data_2GYS
#
_entry.id   2GYS
#
_cell.length_a   184.909
_cell.length_b   184.909
_cell.length_c   101.047
_cell.angle_alpha   90.00
_cell.angle_beta   90.00
_cell.angle_gamma   120.00
#
_symmetry.space_group_name_H-M   'H 3'
#
loop_
_entity.id
_entity.type
_entity.pdbx_description
1 polymer 'Cytokine receptor common beta chain'
2 branched beta-D-mannopyranose-(1-4)-2-acetamido-2-deoxy-beta-D-glucopyranose-(1-4)-[alpha-L-fucopyranose-(1-3)]2-acetamido-2-deoxy-beta-D-glucopyranose
3 branched alpha-L-fucopyranose-(1-3)-[2-acetamido-2-deoxy-beta-D-glucopyranose-(1-4)]2-acetamido-2-deoxy-beta-D-glucopyranose
#
_entity_poly.entity_id   1
_entity_poly.type   'polypeptide(L)'
_entity_poly.pdbx_seq_one_letter_code
;EETIPLQTLRCYNDYTSHITCRWADTQDAQRLVNVTLIRRVNEDLLEPVSCDLSDDMPWSACPHPRCVPRRCVIPCQSFV
VTDVDYFSFQPDRPLGTRLTVTLTQHVQPPEPRDLQISTDQDHFLLTWSVALGSPQSHWLSPGDLEFEVVYKRLQDSWED
AAILLSNTSQATLGPEHLMPSSTYVARVRTRLAPGSRLSGRPSKWSPEVCWDSQPGDEAQPQNLECFFDGAAVLSCSWEV
RKEVASSVSFGLFYKPSPDAGSAVLLREEECSPVLREGLGSLHTRHHCQIPVPDPATHGQYIVSVQPRRAEKHIKSSVNI
QMAPPSLQVTKDGDSYSLRWETMKMRYEHIDHTFEIQYRKDTATWKDSKTETLQNAHSMALPALEPSTRYWARVRVRTSR
TGYNGIWSEWSEARSWDTE
;
_entity_poly.pdbx_strand_id   A,B
#
loop_
_chem_comp.id
_chem_comp.type
_chem_comp.name
_chem_comp.formula
BMA D-saccharide, beta linking beta-D-mannopyranose 'C6 H12 O6'
FUC L-saccharide, alpha linking alpha-L-fucopyranose 'C6 H12 O5'
NAG D-saccharide, beta linking 2-acetamido-2-deoxy-beta-D-glucopyranose 'C8 H15 N O6'
#
# COMPACT_ATOMS: atom_id res chain seq x y z
N GLU A 1 10.84 -0.38 -27.59
CA GLU A 1 11.90 0.26 -26.74
C GLU A 1 13.22 0.54 -27.51
N GLU A 2 13.18 1.52 -28.42
CA GLU A 2 14.38 2.06 -29.08
C GLU A 2 15.23 2.77 -28.02
N THR A 3 16.54 2.81 -28.16
CA THR A 3 17.30 3.52 -27.16
C THR A 3 17.36 4.99 -27.50
N ILE A 4 17.80 5.81 -26.53
CA ILE A 4 17.88 7.22 -26.80
C ILE A 4 18.93 7.53 -27.90
N PRO A 5 20.17 7.02 -27.80
CA PRO A 5 21.04 7.28 -28.96
C PRO A 5 20.39 6.97 -30.31
N LEU A 6 19.66 5.89 -30.42
CA LEU A 6 19.16 5.44 -31.71
C LEU A 6 17.92 6.20 -32.13
N GLN A 7 17.01 6.48 -31.21
CA GLN A 7 15.84 7.23 -31.59
C GLN A 7 16.21 8.55 -32.15
N THR A 8 17.34 9.02 -31.69
CA THR A 8 17.78 10.38 -31.84
C THR A 8 18.62 10.62 -33.12
N LEU A 9 19.46 9.66 -33.48
CA LEU A 9 20.33 9.73 -34.61
C LEU A 9 19.67 10.30 -35.93
N ARG A 10 20.28 11.30 -36.53
CA ARG A 10 19.89 11.59 -37.84
C ARG A 10 21.26 11.78 -38.48
N CYS A 11 21.48 11.24 -39.68
CA CYS A 11 22.70 11.47 -40.38
C CYS A 11 22.35 12.02 -41.77
N TYR A 12 22.83 13.23 -42.09
CA TYR A 12 22.63 13.78 -43.40
C TYR A 12 23.99 13.98 -44.00
N ASN A 13 24.06 13.78 -45.31
CA ASN A 13 25.30 13.84 -46.02
C ASN A 13 25.20 14.86 -47.17
N ASP A 14 26.35 15.24 -47.70
CA ASP A 14 26.35 16.25 -48.70
C ASP A 14 26.52 15.59 -50.08
N TYR A 15 26.27 14.28 -50.12
CA TYR A 15 26.45 13.45 -51.32
C TYR A 15 27.78 13.71 -52.03
N THR A 16 28.80 14.19 -51.32
CA THR A 16 30.07 14.51 -51.98
C THR A 16 31.26 14.13 -51.16
N SER A 17 31.26 14.47 -49.89
CA SER A 17 32.49 14.33 -49.14
C SER A 17 32.28 13.72 -47.77
N HIS A 18 31.07 13.77 -47.24
CA HIS A 18 30.90 13.28 -45.89
C HIS A 18 29.50 13.14 -45.44
N ILE A 19 29.36 12.52 -44.27
CA ILE A 19 28.08 12.32 -43.61
C ILE A 19 28.22 13.01 -42.28
N THR A 20 27.17 13.67 -41.82
CA THR A 20 27.18 14.31 -40.53
C THR A 20 26.05 13.63 -39.80
N CYS A 21 26.31 13.24 -38.56
CA CYS A 21 25.32 12.64 -37.72
C CYS A 21 25.17 13.48 -36.47
N ARG A 22 23.98 13.46 -35.90
CA ARG A 22 23.82 14.06 -34.61
C ARG A 22 22.98 13.12 -33.81
N TRP A 23 23.21 13.09 -32.50
CA TRP A 23 22.51 12.16 -31.64
C TRP A 23 22.74 12.49 -30.15
N ALA A 24 22.18 11.69 -29.24
CA ALA A 24 22.33 12.02 -27.83
C ALA A 24 22.17 10.85 -26.84
N ASP A 25 22.99 10.93 -25.80
CA ASP A 25 23.19 10.06 -24.68
C ASP A 25 22.38 10.83 -23.66
N THR A 26 22.07 10.23 -22.50
CA THR A 26 21.77 11.05 -21.36
C THR A 26 22.92 11.09 -20.31
N GLN A 27 22.97 12.19 -19.57
CA GLN A 27 23.81 12.24 -18.43
C GLN A 27 23.60 11.06 -17.51
N ASP A 28 22.34 10.68 -17.30
CA ASP A 28 22.03 9.62 -16.36
C ASP A 28 22.75 8.34 -16.79
N ALA A 29 22.67 7.99 -18.08
CA ALA A 29 23.29 6.77 -18.60
C ALA A 29 24.82 6.82 -18.59
N GLN A 30 25.37 8.00 -18.81
CA GLN A 30 26.82 8.20 -18.85
C GLN A 30 27.49 7.85 -17.52
N ARG A 31 26.72 7.86 -16.44
CA ARG A 31 27.29 7.47 -15.19
C ARG A 31 27.65 5.97 -15.21
N LEU A 32 26.88 5.18 -15.97
CA LEU A 32 27.00 3.71 -16.02
C LEU A 32 27.68 3.17 -17.28
N VAL A 33 27.50 3.86 -18.41
CA VAL A 33 28.05 3.50 -19.72
C VAL A 33 28.15 4.65 -20.69
N ASN A 34 29.24 4.77 -21.42
CA ASN A 34 29.21 5.66 -22.54
C ASN A 34 29.05 4.72 -23.74
N VAL A 35 28.88 5.31 -24.93
CA VAL A 35 28.45 4.60 -26.10
C VAL A 35 29.20 5.24 -27.29
N THR A 36 29.70 4.46 -28.24
CA THR A 36 30.33 5.02 -29.43
C THR A 36 29.42 4.84 -30.64
N LEU A 37 29.28 5.85 -31.50
CA LEU A 37 28.61 5.59 -32.80
C LEU A 37 29.47 4.67 -33.69
N ILE A 38 28.82 3.81 -34.46
CA ILE A 38 29.46 2.72 -35.21
C ILE A 38 28.83 2.70 -36.59
N ARG A 39 29.61 2.59 -37.65
CA ARG A 39 29.05 2.55 -38.99
C ARG A 39 29.54 1.26 -39.54
N ARG A 40 28.63 0.47 -40.08
CA ARG A 40 29.00 -0.84 -40.53
C ARG A 40 29.29 -0.71 -42.00
N VAL A 41 30.58 -0.88 -42.31
CA VAL A 41 31.13 -0.93 -43.66
C VAL A 41 30.58 -2.12 -44.49
N ASN A 42 30.65 -3.34 -43.97
CA ASN A 42 30.05 -4.52 -44.62
C ASN A 42 29.87 -5.65 -43.61
N GLU A 43 29.36 -6.79 -44.05
CA GLU A 43 28.94 -7.79 -43.09
C GLU A 43 29.93 -7.84 -41.90
N ASP A 44 31.22 -8.09 -42.22
CA ASP A 44 32.29 -8.35 -41.23
C ASP A 44 32.91 -7.08 -40.59
N LEU A 45 32.61 -5.90 -41.13
CA LEU A 45 33.39 -4.71 -40.78
C LEU A 45 32.64 -3.51 -40.23
N LEU A 46 32.89 -3.23 -38.95
CA LEU A 46 32.34 -2.10 -38.20
C LEU A 46 33.40 -1.02 -38.02
N GLU A 47 33.05 0.25 -38.03
CA GLU A 47 34.09 1.22 -37.74
C GLU A 47 33.65 2.37 -36.89
N PRO A 48 34.52 2.85 -35.98
CA PRO A 48 34.07 3.84 -35.00
C PRO A 48 33.95 5.24 -35.61
N VAL A 49 32.87 5.90 -35.35
CA VAL A 49 32.72 7.28 -35.83
C VAL A 49 33.17 8.21 -34.69
N SER A 50 34.04 9.18 -34.99
CA SER A 50 34.45 10.10 -33.92
C SER A 50 33.48 11.29 -33.80
N CYS A 51 32.86 11.37 -32.64
CA CYS A 51 31.88 12.37 -32.40
C CYS A 51 32.41 13.38 -31.42
N ASP A 52 31.93 14.60 -31.49
CA ASP A 52 32.21 15.44 -30.36
C ASP A 52 30.95 16.15 -29.88
N LEU A 53 31.05 16.77 -28.71
CA LEU A 53 29.91 17.33 -28.03
C LEU A 53 29.28 18.47 -28.86
N SER A 54 27.96 18.55 -28.86
CA SER A 54 27.26 19.70 -29.42
C SER A 54 26.40 20.35 -28.36
N ASP A 55 26.22 21.66 -28.46
CA ASP A 55 25.21 22.31 -27.63
C ASP A 55 23.79 22.03 -28.08
N ASP A 56 23.58 21.60 -29.34
CA ASP A 56 22.24 21.63 -29.87
C ASP A 56 21.71 20.33 -30.46
N MET A 57 20.48 20.40 -30.94
CA MET A 57 19.77 19.27 -31.46
C MET A 57 18.94 19.78 -32.64
N PRO A 58 19.62 20.28 -33.66
CA PRO A 58 18.88 20.82 -34.82
C PRO A 58 18.25 19.72 -35.67
N TRP A 59 18.35 18.47 -35.29
CA TRP A 59 17.72 17.51 -36.17
C TRP A 59 16.63 16.60 -35.55
N SER A 60 16.52 16.54 -34.23
CA SER A 60 15.53 15.63 -33.62
C SER A 60 15.42 15.98 -32.17
N ALA A 61 14.33 15.64 -31.52
CA ALA A 61 14.11 16.11 -30.15
C ALA A 61 14.86 15.16 -29.28
N CYS A 62 15.06 15.40 -27.98
CA CYS A 62 15.68 14.41 -27.13
C CYS A 62 14.71 14.18 -26.01
N PRO A 63 14.31 12.93 -25.74
CA PRO A 63 13.20 12.85 -24.80
C PRO A 63 13.76 12.51 -23.45
N HIS A 64 14.58 13.40 -22.91
CA HIS A 64 15.06 13.23 -21.53
C HIS A 64 15.33 14.64 -21.03
N PRO A 65 15.19 14.88 -19.75
CA PRO A 65 15.52 16.25 -19.46
C PRO A 65 17.00 16.57 -19.47
N ARG A 66 17.89 15.62 -19.77
CA ARG A 66 19.34 15.99 -19.76
C ARG A 66 20.25 15.20 -20.71
N CYS A 67 20.20 15.61 -21.95
CA CYS A 67 20.93 14.95 -22.96
C CYS A 67 22.29 15.50 -23.13
N VAL A 68 23.12 14.67 -23.73
CA VAL A 68 24.43 15.08 -24.12
C VAL A 68 24.48 14.85 -25.63
N PRO A 69 24.10 15.89 -26.40
CA PRO A 69 24.06 15.88 -27.84
C PRO A 69 25.44 15.85 -28.43
N ARG A 70 25.59 15.12 -29.54
CA ARG A 70 26.82 15.02 -30.32
C ARG A 70 26.65 15.42 -31.77
N ARG A 71 27.78 15.76 -32.38
CA ARG A 71 27.86 16.08 -33.77
C ARG A 71 29.11 15.35 -34.29
N CYS A 72 28.93 14.41 -35.22
CA CYS A 72 30.04 13.68 -35.87
C CYS A 72 30.11 14.00 -37.35
N VAL A 73 31.28 13.82 -37.93
CA VAL A 73 31.49 14.05 -39.33
C VAL A 73 32.24 12.85 -39.77
N ILE A 74 31.65 12.07 -40.66
CA ILE A 74 32.42 10.96 -41.27
C ILE A 74 32.82 11.27 -42.73
N PRO A 75 34.11 11.19 -43.06
CA PRO A 75 34.40 11.48 -44.47
C PRO A 75 34.12 10.28 -45.37
N CYS A 76 33.70 10.56 -46.60
CA CYS A 76 33.56 9.56 -47.69
C CYS A 76 33.91 10.19 -48.99
N GLN A 77 34.80 9.58 -49.75
CA GLN A 77 34.67 9.68 -51.21
C GLN A 77 33.55 8.68 -51.53
N SER A 78 32.85 8.87 -52.66
CA SER A 78 31.91 7.87 -53.21
C SER A 78 30.59 7.86 -52.48
N PHE A 79 29.52 7.93 -53.27
CA PHE A 79 28.13 7.94 -52.89
C PHE A 79 27.39 7.44 -54.11
N VAL A 80 26.31 6.70 -53.91
CA VAL A 80 25.37 6.51 -54.98
C VAL A 80 24.09 5.86 -54.51
N VAL A 81 23.06 5.97 -55.33
CA VAL A 81 21.67 5.87 -54.88
C VAL A 81 21.28 4.67 -54.09
N THR A 82 21.89 3.53 -54.38
CA THR A 82 21.48 2.29 -53.79
C THR A 82 21.98 2.17 -52.35
N ASP A 83 22.83 3.11 -51.96
CA ASP A 83 23.53 3.09 -50.68
C ASP A 83 22.63 3.30 -49.45
N VAL A 84 22.76 2.33 -48.53
CA VAL A 84 22.17 2.38 -47.21
C VAL A 84 23.28 2.23 -46.20
N ASP A 85 23.35 3.15 -45.26
CA ASP A 85 24.23 2.95 -44.13
C ASP A 85 23.56 2.34 -42.91
N TYR A 86 24.29 1.43 -42.26
CA TYR A 86 23.79 0.85 -41.02
C TYR A 86 24.53 1.42 -39.84
N PHE A 87 23.81 2.07 -38.96
CA PHE A 87 24.46 2.71 -37.84
C PHE A 87 24.01 2.06 -36.54
N SER A 88 24.93 1.95 -35.59
CA SER A 88 24.61 1.41 -34.27
C SER A 88 25.49 2.05 -33.18
N PHE A 89 25.35 1.62 -31.92
CA PHE A 89 26.02 2.24 -30.81
C PHE A 89 26.74 1.21 -29.94
N GLN A 90 28.05 1.28 -29.74
CA GLN A 90 28.72 0.21 -28.99
C GLN A 90 28.89 0.71 -27.59
N PRO A 91 28.58 -0.15 -26.58
CA PRO A 91 28.92 0.16 -25.18
C PRO A 91 30.43 0.31 -24.97
N ASP A 92 30.81 1.08 -23.96
CA ASP A 92 32.23 1.24 -23.63
C ASP A 92 32.93 -0.03 -23.18
N ARG A 93 32.17 -1.06 -22.80
CA ARG A 93 32.72 -2.35 -22.36
C ARG A 93 31.70 -3.54 -22.52
N PRO A 94 32.17 -4.77 -22.58
CA PRO A 94 31.24 -5.88 -22.63
C PRO A 94 30.17 -5.96 -21.46
N LEU A 95 28.89 -6.03 -21.83
CA LEU A 95 27.77 -6.14 -20.87
C LEU A 95 26.99 -7.42 -21.18
N GLY A 96 26.60 -8.22 -20.18
CA GLY A 96 25.79 -9.42 -20.44
C GLY A 96 25.70 -10.36 -19.25
N THR A 97 24.94 -11.45 -19.38
CA THR A 97 24.75 -12.46 -18.33
C THR A 97 24.29 -13.65 -19.08
N ARG A 98 24.45 -14.80 -18.44
CA ARG A 98 24.43 -16.04 -19.14
C ARG A 98 24.07 -17.08 -18.06
N LEU A 99 23.05 -17.89 -18.31
CA LEU A 99 22.58 -18.87 -17.35
C LEU A 99 22.51 -20.11 -18.17
N THR A 100 22.94 -21.22 -17.65
CA THR A 100 22.81 -22.41 -18.40
C THR A 100 21.73 -23.22 -17.67
N VAL A 101 20.64 -23.60 -18.32
CA VAL A 101 19.48 -24.13 -17.63
C VAL A 101 19.17 -25.52 -18.12
N THR A 102 19.21 -26.48 -17.19
CA THR A 102 18.69 -27.80 -17.41
C THR A 102 17.20 -27.82 -17.04
N LEU A 103 16.33 -28.03 -18.04
CA LEU A 103 14.87 -27.95 -17.84
C LEU A 103 14.32 -28.69 -16.59
N THR A 104 14.84 -29.89 -16.27
CA THR A 104 14.31 -30.66 -15.12
C THR A 104 14.65 -29.97 -13.77
N GLN A 105 15.65 -29.10 -13.79
CA GLN A 105 16.06 -28.38 -12.60
C GLN A 105 15.38 -27.02 -12.52
N HIS A 106 14.55 -26.69 -13.50
CA HIS A 106 14.03 -25.34 -13.63
C HIS A 106 12.56 -25.34 -13.97
N VAL A 107 11.78 -26.20 -13.34
CA VAL A 107 10.40 -26.23 -13.71
C VAL A 107 9.50 -25.46 -12.76
N GLN A 108 8.58 -24.73 -13.35
CA GLN A 108 7.50 -24.12 -12.61
C GLN A 108 6.23 -24.71 -13.13
N PRO A 109 5.57 -25.56 -12.34
CA PRO A 109 4.33 -26.22 -12.75
C PRO A 109 3.24 -25.19 -12.93
N PRO A 110 2.10 -25.57 -13.52
CA PRO A 110 1.12 -24.52 -13.82
C PRO A 110 0.26 -24.11 -12.63
N GLU A 111 -0.12 -22.85 -12.57
CA GLU A 111 -1.06 -22.29 -11.65
C GLU A 111 -2.24 -23.25 -11.59
N PRO A 112 -2.72 -23.61 -10.38
CA PRO A 112 -4.06 -24.18 -10.22
C PRO A 112 -5.16 -23.26 -10.71
N ARG A 113 -6.29 -23.81 -11.10
CA ARG A 113 -7.40 -22.94 -11.48
C ARG A 113 -8.75 -23.57 -11.11
N ASP A 114 -9.83 -22.81 -11.26
CA ASP A 114 -11.18 -23.28 -10.88
C ASP A 114 -11.24 -23.70 -9.45
N LEU A 115 -10.87 -22.79 -8.58
CA LEU A 115 -11.03 -23.05 -7.18
C LEU A 115 -12.53 -23.09 -6.86
N GLN A 116 -12.99 -24.17 -6.24
CA GLN A 116 -14.31 -24.15 -5.67
C GLN A 116 -14.37 -24.66 -4.23
N ILE A 117 -15.31 -24.12 -3.48
CA ILE A 117 -15.66 -24.73 -2.22
C ILE A 117 -17.00 -25.43 -2.37
N SER A 118 -17.11 -26.66 -1.87
CA SER A 118 -18.41 -27.30 -1.72
C SER A 118 -18.58 -27.61 -0.26
N THR A 119 -19.79 -27.58 0.27
CA THR A 119 -19.87 -27.94 1.66
C THR A 119 -20.33 -29.38 1.77
N ASP A 120 -19.74 -30.06 2.73
CA ASP A 120 -20.13 -31.38 3.10
C ASP A 120 -20.38 -31.27 4.58
N GLN A 121 -21.65 -31.09 4.93
CA GLN A 121 -22.06 -30.79 6.30
C GLN A 121 -21.20 -29.68 6.91
N ASP A 122 -20.36 -30.05 7.89
CA ASP A 122 -19.51 -29.09 8.65
C ASP A 122 -18.11 -29.05 8.05
N HIS A 123 -17.85 -29.88 7.03
CA HIS A 123 -16.61 -29.77 6.29
C HIS A 123 -16.77 -29.03 4.98
N PHE A 124 -15.65 -28.54 4.45
CA PHE A 124 -15.60 -27.87 3.17
C PHE A 124 -14.62 -28.58 2.23
N LEU A 125 -15.14 -29.06 1.10
CA LEU A 125 -14.32 -29.70 0.09
C LEU A 125 -13.90 -28.63 -0.89
N LEU A 126 -12.61 -28.28 -0.89
CA LEU A 126 -12.04 -27.31 -1.85
C LEU A 126 -11.53 -28.10 -3.05
N THR A 127 -11.93 -27.77 -4.30
CA THR A 127 -11.38 -28.47 -5.48
C THR A 127 -10.79 -27.51 -6.49
N TRP A 128 -10.05 -28.05 -7.47
CA TRP A 128 -9.46 -27.21 -8.49
C TRP A 128 -8.80 -28.07 -9.54
N SER A 129 -8.08 -27.46 -10.44
CA SER A 129 -7.40 -28.26 -11.42
C SER A 129 -6.26 -27.49 -12.02
N VAL A 130 -5.46 -28.27 -12.69
CA VAL A 130 -4.24 -27.86 -13.24
C VAL A 130 -4.32 -28.42 -14.69
N ALA A 131 -4.16 -27.54 -15.67
CA ALA A 131 -4.14 -27.98 -17.05
C ALA A 131 -2.73 -28.32 -17.37
N LEU A 132 -2.37 -29.59 -17.56
CA LEU A 132 -0.98 -29.91 -17.97
C LEU A 132 -0.51 -29.42 -19.39
N HIS A 138 4.43 -36.88 -21.68
CA HIS A 138 4.63 -37.42 -20.35
C HIS A 138 5.85 -36.82 -19.66
N TRP A 139 6.20 -35.58 -20.01
CA TRP A 139 7.30 -34.94 -19.37
C TRP A 139 6.89 -34.49 -17.95
N LEU A 140 5.81 -33.69 -17.82
CA LEU A 140 5.24 -33.30 -16.49
C LEU A 140 3.91 -33.96 -16.36
N SER A 141 3.73 -34.75 -15.30
CA SER A 141 2.53 -35.59 -15.11
C SER A 141 1.91 -35.28 -13.75
N PRO A 142 0.62 -35.58 -13.57
CA PRO A 142 -0.02 -35.25 -12.29
C PRO A 142 0.76 -35.78 -11.10
N GLY A 143 1.40 -36.94 -11.25
CA GLY A 143 2.14 -37.55 -10.13
C GLY A 143 3.46 -36.86 -9.76
N ASP A 144 3.87 -35.87 -10.55
CA ASP A 144 5.04 -35.08 -10.24
C ASP A 144 4.72 -33.95 -9.30
N LEU A 145 3.41 -33.81 -9.06
CA LEU A 145 2.79 -32.58 -8.64
C LEU A 145 2.36 -32.69 -7.19
N GLU A 146 2.40 -31.56 -6.51
CA GLU A 146 1.94 -31.56 -5.15
C GLU A 146 1.32 -30.18 -4.99
N PHE A 147 0.22 -30.14 -4.24
CA PHE A 147 -0.54 -28.90 -4.09
C PHE A 147 -0.38 -28.38 -2.70
N GLU A 148 -0.13 -27.09 -2.57
CA GLU A 148 -0.02 -26.50 -1.27
C GLU A 148 -1.17 -25.59 -1.16
N VAL A 149 -2.02 -25.79 -0.15
CA VAL A 149 -3.11 -24.85 0.05
C VAL A 149 -2.97 -24.04 1.30
N VAL A 150 -3.21 -22.73 1.14
CA VAL A 150 -3.14 -21.79 2.23
C VAL A 150 -4.52 -21.19 2.47
N TYR A 151 -4.90 -20.99 3.73
CA TYR A 151 -6.19 -20.41 4.02
C TYR A 151 -6.14 -19.57 5.28
N LYS A 152 -7.16 -18.75 5.49
CA LYS A 152 -7.07 -17.74 6.53
C LYS A 152 -8.41 -17.05 6.68
N ARG A 153 -8.57 -16.30 7.76
CA ARG A 153 -9.79 -15.51 7.87
C ARG A 153 -9.62 -14.33 6.93
N LEU A 154 -10.73 -13.86 6.40
CA LEU A 154 -10.68 -12.71 5.53
C LEU A 154 -9.84 -11.55 6.12
N GLN A 155 -10.02 -11.29 7.40
CA GLN A 155 -9.50 -10.07 7.98
C GLN A 155 -8.06 -10.25 8.44
N ASP A 156 -7.50 -11.44 8.20
CA ASP A 156 -6.16 -11.69 8.65
C ASP A 156 -5.21 -11.50 7.49
N SER A 157 -3.92 -11.33 7.77
CA SER A 157 -2.93 -11.25 6.72
C SER A 157 -2.56 -12.66 6.32
N TRP A 158 -1.94 -12.78 5.15
CA TRP A 158 -1.40 -14.05 4.71
C TRP A 158 -0.13 -14.45 5.50
N GLU A 159 0.42 -13.52 6.29
CA GLU A 159 1.75 -13.67 6.86
C GLU A 159 2.09 -15.09 7.28
N ASP A 160 1.36 -15.72 8.18
CA ASP A 160 1.74 -17.12 8.54
C ASP A 160 0.58 -18.12 8.42
N ALA A 161 -0.30 -17.90 7.44
CA ALA A 161 -1.52 -18.67 7.33
C ALA A 161 -1.18 -20.16 7.32
N ALA A 162 -2.15 -20.99 7.73
CA ALA A 162 -1.93 -22.43 7.83
C ALA A 162 -1.84 -22.97 6.44
N ILE A 163 -0.81 -23.78 6.21
CA ILE A 163 -0.70 -24.55 4.98
C ILE A 163 -1.39 -25.90 5.24
N LEU A 164 -2.04 -26.45 4.21
CA LEU A 164 -2.46 -27.85 4.18
C LEU A 164 -1.97 -28.37 2.85
N LEU A 165 -1.34 -29.55 2.80
CA LEU A 165 -0.74 -30.05 1.53
C LEU A 165 -1.50 -31.21 0.97
N SER A 166 -1.67 -31.28 -0.32
CA SER A 166 -2.37 -32.44 -0.86
C SER A 166 -1.60 -32.88 -2.05
N ASN A 167 -1.66 -34.16 -2.34
CA ASN A 167 -1.02 -34.59 -3.53
C ASN A 167 -2.04 -34.95 -4.58
N THR A 168 -3.29 -34.64 -4.30
CA THR A 168 -4.30 -34.61 -5.35
C THR A 168 -4.93 -33.26 -5.42
N SER A 169 -5.88 -33.07 -6.33
CA SER A 169 -6.35 -31.73 -6.57
C SER A 169 -7.69 -31.47 -5.87
N GLN A 170 -7.79 -32.00 -4.67
CA GLN A 170 -8.76 -31.48 -3.73
C GLN A 170 -8.19 -31.51 -2.30
N ALA A 171 -8.82 -30.76 -1.41
CA ALA A 171 -8.45 -30.74 0.00
C ALA A 171 -9.72 -30.52 0.82
N THR A 172 -9.71 -30.97 2.06
CA THR A 172 -10.89 -30.85 2.93
C THR A 172 -10.58 -29.95 4.13
N LEU A 173 -11.51 -29.09 4.53
CA LEU A 173 -11.24 -28.24 5.66
C LEU A 173 -12.37 -28.35 6.63
N GLY A 174 -12.08 -28.77 7.85
CA GLY A 174 -13.13 -28.83 8.86
C GLY A 174 -13.01 -27.85 10.02
N PRO A 175 -13.89 -28.00 10.99
CA PRO A 175 -13.84 -27.37 12.30
C PRO A 175 -12.50 -27.42 13.00
N GLU A 176 -11.71 -28.46 12.80
CA GLU A 176 -10.30 -28.39 13.28
C GLU A 176 -9.52 -27.24 12.64
N HIS A 177 -9.91 -26.83 11.44
CA HIS A 177 -9.12 -25.84 10.73
C HIS A 177 -9.73 -24.46 10.83
N LEU A 178 -10.97 -24.39 11.25
CA LEU A 178 -11.72 -23.20 10.98
C LEU A 178 -12.46 -22.61 12.16
N MET A 179 -12.28 -21.32 12.34
CA MET A 179 -13.06 -20.66 13.33
C MET A 179 -14.51 -20.55 12.81
N PRO A 180 -15.49 -20.88 13.68
CA PRO A 180 -16.90 -20.79 13.31
C PRO A 180 -17.31 -19.36 13.07
N SER A 181 -18.37 -19.16 12.26
CA SER A 181 -19.06 -17.87 12.07
C SER A 181 -18.14 -16.80 11.48
N SER A 182 -17.24 -17.24 10.62
CA SER A 182 -16.19 -16.40 10.06
C SER A 182 -16.16 -16.55 8.55
N THR A 183 -15.40 -15.70 7.89
CA THR A 183 -15.27 -15.81 6.45
C THR A 183 -13.86 -16.19 6.17
N TYR A 184 -13.73 -17.26 5.41
CA TYR A 184 -12.42 -17.72 5.10
C TYR A 184 -12.10 -17.44 3.66
N VAL A 185 -10.86 -17.05 3.41
CA VAL A 185 -10.39 -16.96 2.03
C VAL A 185 -9.28 -18.04 1.87
N ALA A 186 -9.25 -18.70 0.71
CA ALA A 186 -8.23 -19.75 0.41
C ALA A 186 -7.66 -19.53 -0.98
N ARG A 187 -6.41 -19.94 -1.17
CA ARG A 187 -5.75 -19.95 -2.48
C ARG A 187 -4.83 -21.17 -2.56
N VAL A 188 -4.53 -21.66 -3.76
CA VAL A 188 -3.69 -22.87 -3.92
C VAL A 188 -2.59 -22.63 -4.95
N ARG A 189 -1.49 -23.36 -4.84
CA ARG A 189 -0.46 -23.29 -5.85
C ARG A 189 0.21 -24.66 -6.09
N THR A 190 0.88 -24.83 -7.22
CA THR A 190 1.38 -26.13 -7.53
C THR A 190 2.86 -26.19 -7.30
N ARG A 191 3.33 -27.32 -6.81
CA ARG A 191 4.68 -27.57 -6.37
C ARG A 191 5.22 -28.88 -6.99
N LEU A 192 6.53 -29.07 -6.98
CA LEU A 192 7.08 -30.36 -7.46
C LEU A 192 7.08 -31.32 -6.33
N ALA A 193 6.49 -32.48 -6.52
CA ALA A 193 6.52 -33.50 -5.47
C ALA A 193 7.95 -33.79 -4.97
N PRO A 194 8.14 -33.89 -3.65
CA PRO A 194 9.49 -34.24 -3.11
C PRO A 194 10.17 -35.36 -3.94
N GLY A 195 9.51 -36.52 -4.04
CA GLY A 195 10.09 -37.65 -4.78
C GLY A 195 10.19 -37.47 -6.28
N SER A 196 9.70 -36.37 -6.82
CA SER A 196 9.91 -36.14 -8.22
C SER A 196 11.40 -35.84 -8.53
N ARG A 197 11.88 -36.36 -9.61
CA ARG A 197 13.21 -36.00 -10.08
C ARG A 197 13.14 -34.63 -10.79
N LEU A 198 12.04 -33.89 -10.58
CA LEU A 198 11.97 -32.53 -11.07
C LEU A 198 12.26 -31.58 -9.92
N SER A 199 12.78 -30.38 -10.23
CA SER A 199 13.13 -29.32 -9.28
C SER A 199 12.82 -27.96 -9.93
N GLY A 200 12.48 -26.98 -9.13
CA GLY A 200 12.17 -25.70 -9.70
C GLY A 200 11.59 -24.78 -8.67
N ARG A 201 10.45 -24.21 -8.93
CA ARG A 201 9.84 -23.40 -7.94
C ARG A 201 8.36 -23.42 -8.18
N PRO A 202 7.59 -23.29 -7.08
CA PRO A 202 6.13 -23.45 -7.19
C PRO A 202 5.52 -22.50 -8.19
N SER A 203 4.29 -22.78 -8.59
CA SER A 203 3.53 -21.87 -9.45
C SER A 203 3.12 -20.69 -8.64
N LYS A 204 2.79 -19.60 -9.30
CA LYS A 204 2.09 -18.46 -8.65
C LYS A 204 0.72 -18.94 -8.16
N TRP A 205 0.08 -18.20 -7.26
CA TRP A 205 -1.17 -18.64 -6.63
C TRP A 205 -2.38 -18.58 -7.51
N SER A 206 -3.29 -19.54 -7.30
CA SER A 206 -4.61 -19.47 -7.92
C SER A 206 -5.30 -18.19 -7.51
N PRO A 207 -6.34 -17.84 -8.25
CA PRO A 207 -7.25 -16.86 -7.69
C PRO A 207 -7.82 -17.37 -6.35
N GLU A 208 -8.16 -16.43 -5.48
CA GLU A 208 -8.82 -16.69 -4.20
C GLU A 208 -10.24 -17.23 -4.29
N VAL A 209 -10.61 -18.01 -3.30
CA VAL A 209 -12.00 -18.35 -3.12
C VAL A 209 -12.40 -18.04 -1.68
N CYS A 210 -13.64 -17.60 -1.48
CA CYS A 210 -14.17 -17.37 -0.14
C CYS A 210 -15.28 -18.27 0.22
N TRP A 211 -15.48 -18.40 1.51
CA TRP A 211 -16.62 -19.08 1.94
C TRP A 211 -16.80 -18.73 3.37
N ASP A 212 -17.98 -19.02 3.87
CA ASP A 212 -18.34 -18.78 5.25
C ASP A 212 -18.21 -20.10 5.99
N SER A 213 -17.40 -20.11 7.05
CA SER A 213 -17.19 -21.32 7.83
C SER A 213 -18.49 -21.69 8.50
N GLN A 214 -18.51 -22.81 9.25
CA GLN A 214 -19.72 -23.30 10.00
C GLN A 214 -20.28 -22.25 10.93
N PRO A 215 -21.60 -22.11 10.99
CA PRO A 215 -21.95 -21.08 11.97
C PRO A 215 -21.74 -21.66 13.37
N GLY A 216 -21.51 -20.76 14.33
CA GLY A 216 -21.38 -21.12 15.74
C GLY A 216 -22.15 -20.06 16.51
N ASP A 217 -21.67 -19.75 17.70
CA ASP A 217 -22.38 -18.84 18.58
C ASP A 217 -21.96 -17.40 18.44
N GLU A 218 -22.22 -16.75 17.30
CA GLU A 218 -21.71 -15.35 17.06
C GLU A 218 -21.38 -14.55 18.33
N ALA A 219 -22.23 -14.63 19.33
CA ALA A 219 -22.11 -13.74 20.48
C ALA A 219 -20.91 -13.94 21.39
N GLN A 220 -20.41 -15.17 21.56
CA GLN A 220 -19.25 -15.39 22.47
C GLN A 220 -17.98 -14.60 22.09
N PRO A 221 -17.22 -14.14 23.08
CA PRO A 221 -15.86 -13.87 22.69
C PRO A 221 -15.23 -15.08 22.02
N GLN A 222 -14.33 -14.79 21.10
CA GLN A 222 -13.66 -15.82 20.37
C GLN A 222 -12.16 -15.57 20.27
N ASN A 223 -11.46 -16.63 19.92
CA ASN A 223 -10.07 -16.57 19.51
C ASN A 223 -9.11 -16.14 20.62
N LEU A 224 -9.40 -16.59 21.82
CA LEU A 224 -8.50 -16.44 22.93
C LEU A 224 -7.17 -17.07 22.60
N GLU A 225 -6.10 -16.30 22.61
CA GLU A 225 -4.79 -16.89 22.47
C GLU A 225 -3.89 -16.29 23.53
N CYS A 226 -3.15 -17.15 24.20
CA CYS A 226 -2.19 -16.71 25.18
C CYS A 226 -0.83 -17.28 24.86
N PHE A 227 0.18 -16.41 24.81
CA PHE A 227 1.55 -16.85 24.61
C PHE A 227 2.47 -16.35 25.68
N PHE A 228 3.35 -17.22 26.12
CA PHE A 228 4.23 -16.92 27.23
C PHE A 228 5.60 -16.56 26.68
N ASP A 229 6.20 -15.47 27.17
CA ASP A 229 7.50 -15.05 26.63
C ASP A 229 8.68 -15.88 27.12
N GLY A 230 8.39 -16.83 28.00
CA GLY A 230 9.39 -17.69 28.53
C GLY A 230 10.01 -17.17 29.82
N ALA A 231 9.73 -15.93 30.18
CA ALA A 231 10.25 -15.37 31.43
C ALA A 231 9.16 -15.01 32.46
N ALA A 232 8.53 -13.83 32.29
CA ALA A 232 7.67 -13.21 33.31
C ALA A 232 6.22 -12.84 32.90
N VAL A 233 5.88 -13.02 31.61
CA VAL A 233 4.62 -12.46 31.05
C VAL A 233 3.85 -13.36 30.10
N LEU A 234 2.53 -13.37 30.22
CA LEU A 234 1.70 -14.20 29.34
C LEU A 234 0.75 -13.30 28.55
N SER A 235 1.12 -12.86 27.35
CA SER A 235 0.25 -11.97 26.63
C SER A 235 -0.97 -12.71 26.08
N CYS A 236 -2.17 -12.22 26.40
CA CYS A 236 -3.38 -12.79 25.85
C CYS A 236 -4.16 -11.86 24.95
N SER A 237 -4.75 -12.41 23.91
CA SER A 237 -5.63 -11.67 23.05
C SER A 237 -6.92 -12.47 22.70
N TRP A 238 -7.98 -11.71 22.42
CA TRP A 238 -9.27 -12.25 22.05
C TRP A 238 -10.07 -11.21 21.26
N GLU A 239 -11.15 -11.62 20.64
CA GLU A 239 -11.98 -10.77 19.82
C GLU A 239 -13.35 -10.82 20.42
N VAL A 240 -14.04 -9.67 20.46
CA VAL A 240 -15.50 -9.62 20.72
C VAL A 240 -16.21 -8.73 19.67
N ARG A 241 -17.43 -9.08 19.33
CA ARG A 241 -18.12 -8.33 18.34
C ARG A 241 -18.54 -6.97 18.84
N LYS A 242 -18.47 -5.99 17.94
CA LYS A 242 -18.63 -4.61 18.36
C LYS A 242 -20.00 -4.43 19.00
N GLU A 243 -21.00 -5.11 18.42
CA GLU A 243 -22.39 -5.07 18.90
C GLU A 243 -22.41 -5.43 20.38
N VAL A 244 -21.94 -6.64 20.65
CA VAL A 244 -21.86 -7.14 21.99
C VAL A 244 -21.00 -6.24 22.86
N ALA A 245 -19.84 -5.82 22.35
CA ALA A 245 -18.94 -5.04 23.22
C ALA A 245 -19.63 -3.80 23.70
N SER A 246 -20.62 -3.33 22.94
CA SER A 246 -21.31 -2.09 23.33
C SER A 246 -22.42 -2.38 24.38
N SER A 247 -22.56 -3.65 24.73
CA SER A 247 -23.42 -4.00 25.80
C SER A 247 -22.76 -4.69 26.95
N VAL A 248 -21.64 -5.38 26.74
CA VAL A 248 -21.02 -6.09 27.83
C VAL A 248 -19.56 -5.71 27.99
N SER A 249 -19.11 -5.36 29.18
CA SER A 249 -17.67 -5.15 29.32
C SER A 249 -17.08 -6.52 29.65
N PHE A 250 -16.17 -7.01 28.81
CA PHE A 250 -15.50 -8.25 29.17
C PHE A 250 -14.19 -7.95 29.87
N GLY A 251 -13.78 -8.92 30.70
CA GLY A 251 -12.52 -8.87 31.40
C GLY A 251 -11.78 -10.14 31.10
N LEU A 252 -10.51 -10.18 31.47
CA LEU A 252 -9.69 -11.37 31.37
C LEU A 252 -9.32 -11.82 32.74
N PHE A 253 -9.51 -13.10 33.03
CA PHE A 253 -9.23 -13.60 34.37
C PHE A 253 -8.45 -14.87 34.32
N TYR A 254 -7.56 -15.03 35.30
CA TYR A 254 -6.70 -16.20 35.38
C TYR A 254 -6.57 -16.80 36.77
N LYS A 255 -6.33 -18.10 36.79
CA LYS A 255 -5.96 -18.85 37.98
C LYS A 255 -4.88 -19.82 37.52
N PRO A 256 -3.76 -19.90 38.26
CA PRO A 256 -2.69 -20.83 37.95
C PRO A 256 -2.83 -22.21 38.63
N SER A 257 -3.49 -23.14 37.91
CA SER A 257 -3.43 -24.58 38.24
C SER A 257 -3.88 -24.91 39.68
N ALA A 263 -1.81 -28.23 46.73
CA ALA A 263 -3.03 -28.80 47.26
C ALA A 263 -4.26 -28.12 46.67
N VAL A 264 -5.18 -27.71 47.54
CA VAL A 264 -6.30 -26.74 47.12
C VAL A 264 -5.88 -25.62 46.13
N LEU A 265 -6.85 -25.06 45.40
CA LEU A 265 -6.56 -24.13 44.33
C LEU A 265 -6.61 -22.70 44.84
N LEU A 266 -6.03 -21.79 44.05
CA LEU A 266 -5.91 -20.36 44.44
C LEU A 266 -7.13 -19.52 44.01
N ARG A 267 -7.14 -18.23 44.36
CA ARG A 267 -8.18 -17.29 43.88
C ARG A 267 -8.01 -16.87 42.42
N GLU A 268 -9.13 -16.66 41.73
CA GLU A 268 -9.12 -16.25 40.32
C GLU A 268 -9.02 -14.74 40.18
N GLU A 269 -8.05 -14.31 39.37
CA GLU A 269 -7.54 -12.93 39.41
C GLU A 269 -7.85 -12.16 38.12
N GLU A 270 -7.90 -10.83 38.18
CA GLU A 270 -8.18 -10.02 36.96
C GLU A 270 -6.92 -9.35 36.36
N CYS A 271 -6.88 -9.34 35.05
CA CYS A 271 -5.76 -8.82 34.34
C CYS A 271 -6.06 -7.41 33.84
N SER A 272 -5.10 -6.50 34.01
CA SER A 272 -5.20 -5.16 33.39
C SER A 272 -3.85 -4.42 33.21
N PRO A 273 -3.82 -3.35 32.39
CA PRO A 273 -4.96 -2.84 31.61
C PRO A 273 -5.27 -3.74 30.36
N VAL A 274 -6.51 -3.64 29.86
CA VAL A 274 -6.92 -4.31 28.65
C VAL A 274 -6.88 -3.32 27.50
N LEU A 275 -5.86 -3.45 26.65
CA LEU A 275 -5.75 -2.66 25.42
C LEU A 275 -6.66 -3.15 24.28
N ARG A 276 -7.25 -2.21 23.54
CA ARG A 276 -8.25 -2.45 22.49
C ARG A 276 -7.78 -1.90 21.15
N GLU A 277 -8.08 -2.65 20.09
CA GLU A 277 -7.67 -2.28 18.73
C GLU A 277 -8.75 -2.74 17.72
N GLY A 278 -9.05 -1.95 16.71
CA GLY A 278 -10.17 -2.28 15.79
C GLY A 278 -9.85 -3.22 14.61
N LEU A 279 -10.09 -4.54 14.80
CA LEU A 279 -9.90 -5.58 13.76
C LEU A 279 -11.18 -5.91 12.99
N GLY A 280 -11.11 -5.85 11.64
CA GLY A 280 -12.24 -6.21 10.76
C GLY A 280 -13.49 -5.39 11.04
N SER A 281 -14.55 -5.62 10.26
CA SER A 281 -15.80 -4.87 10.46
C SER A 281 -16.59 -5.26 11.75
N LEU A 282 -16.50 -6.54 12.15
CA LEU A 282 -17.36 -7.06 13.21
C LEU A 282 -16.76 -7.03 14.61
N HIS A 283 -15.44 -7.14 14.70
CA HIS A 283 -14.81 -7.32 16.00
C HIS A 283 -13.90 -6.17 16.44
N THR A 284 -13.66 -6.14 17.74
CA THR A 284 -12.53 -5.40 18.27
C THR A 284 -11.65 -6.42 18.95
N ARG A 285 -10.34 -6.18 18.88
CA ARG A 285 -9.36 -7.09 19.47
C ARG A 285 -8.88 -6.47 20.76
N HIS A 286 -8.74 -7.30 21.78
CA HIS A 286 -8.30 -6.91 23.09
C HIS A 286 -6.99 -7.60 23.43
N HIS A 287 -6.16 -6.94 24.24
CA HIS A 287 -4.88 -7.53 24.68
C HIS A 287 -4.70 -7.37 26.17
N CYS A 288 -4.15 -8.36 26.83
CA CYS A 288 -3.83 -8.20 28.22
C CYS A 288 -2.51 -8.87 28.53
N GLN A 289 -1.79 -8.32 29.50
CA GLN A 289 -0.52 -8.88 29.93
C GLN A 289 -0.72 -9.55 31.26
N ILE A 290 -0.60 -10.87 31.33
CA ILE A 290 -0.60 -11.53 32.64
C ILE A 290 0.82 -11.73 33.19
N PRO A 291 1.08 -11.26 34.42
CA PRO A 291 2.38 -11.59 35.05
C PRO A 291 2.47 -13.03 35.57
N VAL A 292 3.40 -13.83 35.04
CA VAL A 292 3.71 -15.10 35.71
C VAL A 292 5.09 -15.19 36.40
N PRO A 293 5.07 -15.32 37.72
CA PRO A 293 6.29 -15.27 38.49
C PRO A 293 7.05 -16.60 38.53
N ASP A 294 6.38 -17.73 38.78
CA ASP A 294 7.12 -18.99 38.92
C ASP A 294 6.64 -20.08 37.96
N PRO A 295 6.94 -19.93 36.64
CA PRO A 295 6.47 -20.87 35.64
C PRO A 295 6.85 -22.35 35.88
N ALA A 296 7.92 -22.60 36.64
CA ALA A 296 8.33 -23.99 36.89
C ALA A 296 7.48 -24.69 37.95
N THR A 297 6.51 -23.98 38.51
CA THR A 297 5.63 -24.54 39.55
C THR A 297 4.19 -24.42 39.12
N HIS A 298 3.87 -23.25 38.58
CA HIS A 298 2.61 -22.97 37.94
C HIS A 298 2.91 -22.96 36.46
N GLY A 299 2.83 -24.13 35.85
CA GLY A 299 3.09 -24.27 34.41
C GLY A 299 1.80 -24.33 33.62
N GLN A 300 0.68 -24.32 34.35
CA GLN A 300 -0.64 -24.31 33.76
C GLN A 300 -1.48 -23.21 34.37
N TYR A 301 -2.05 -22.38 33.50
CA TYR A 301 -2.94 -21.28 33.83
C TYR A 301 -4.24 -21.48 33.08
N ILE A 302 -5.36 -21.48 33.80
CA ILE A 302 -6.65 -21.48 33.12
C ILE A 302 -7.05 -20.03 33.04
N VAL A 303 -7.47 -19.64 31.83
CA VAL A 303 -7.59 -18.23 31.43
C VAL A 303 -8.96 -18.12 30.85
N SER A 304 -9.72 -17.14 31.31
CA SER A 304 -11.11 -17.01 30.97
C SER A 304 -11.39 -15.55 30.60
N VAL A 305 -12.31 -15.37 29.69
CA VAL A 305 -12.73 -14.05 29.34
C VAL A 305 -14.21 -14.08 29.70
N GLN A 306 -14.62 -13.17 30.58
CA GLN A 306 -16.01 -13.11 31.04
C GLN A 306 -16.46 -11.69 31.32
N PRO A 307 -17.80 -11.47 31.44
CA PRO A 307 -18.24 -10.12 31.91
C PRO A 307 -17.61 -9.77 33.23
N ARG A 308 -17.22 -8.52 33.39
CA ARG A 308 -16.60 -8.02 34.58
C ARG A 308 -17.59 -7.36 35.55
N ARG A 309 -17.14 -7.19 36.81
CA ARG A 309 -17.69 -6.15 37.74
C ARG A 309 -17.35 -4.72 37.19
N ALA A 310 -18.06 -4.31 36.14
CA ALA A 310 -17.94 -2.94 35.62
C ALA A 310 -19.18 -2.19 36.03
N GLU A 311 -19.05 -1.39 37.09
CA GLU A 311 -20.20 -0.66 37.65
C GLU A 311 -20.14 0.85 37.57
N LYS A 312 -21.29 1.50 37.49
CA LYS A 312 -21.32 2.94 37.67
C LYS A 312 -21.67 3.28 39.12
N HIS A 313 -20.80 4.05 39.76
CA HIS A 313 -20.97 4.55 41.14
C HIS A 313 -21.82 5.83 41.09
N ILE A 314 -23.04 5.78 41.60
CA ILE A 314 -23.82 6.97 41.64
C ILE A 314 -24.04 7.39 43.10
N LYS A 315 -23.47 8.54 43.46
CA LYS A 315 -23.65 9.08 44.81
C LYS A 315 -24.99 9.80 44.88
N SER A 316 -25.83 9.31 45.77
CA SER A 316 -27.21 9.75 45.93
C SER A 316 -27.25 11.26 46.10
N SER A 317 -26.41 11.77 47.01
CA SER A 317 -26.43 13.18 47.42
C SER A 317 -26.05 14.21 46.35
N VAL A 318 -25.70 13.74 45.18
CA VAL A 318 -25.13 14.61 44.18
C VAL A 318 -25.90 14.33 42.90
N ASN A 319 -27.00 13.60 43.07
CA ASN A 319 -27.90 13.27 41.98
C ASN A 319 -29.36 13.38 42.37
N ILE A 320 -29.67 14.39 43.17
CA ILE A 320 -31.05 14.63 43.56
C ILE A 320 -31.77 15.37 42.45
N GLN A 321 -32.89 14.81 42.01
CA GLN A 321 -33.92 15.59 41.38
C GLN A 321 -35.08 15.54 42.33
N MET A 322 -35.67 16.68 42.63
CA MET A 322 -36.85 16.70 43.49
C MET A 322 -38.16 16.57 42.73
N ALA A 323 -39.18 16.21 43.50
CA ALA A 323 -40.54 16.27 43.03
C ALA A 323 -40.88 17.73 42.67
N PRO A 324 -41.81 17.93 41.70
CA PRO A 324 -42.26 19.32 41.48
C PRO A 324 -42.89 19.87 42.78
N PRO A 325 -42.64 21.14 43.10
CA PRO A 325 -43.40 21.75 44.17
C PRO A 325 -44.89 21.68 43.88
N SER A 326 -45.72 21.77 44.91
CA SER A 326 -47.13 22.05 44.73
C SER A 326 -47.32 23.58 44.72
N LEU A 327 -48.23 24.08 43.89
CA LEU A 327 -48.39 25.52 43.64
C LEU A 327 -49.82 25.99 43.92
N GLN A 328 -49.96 27.27 44.31
CA GLN A 328 -51.27 27.97 44.30
C GLN A 328 -51.17 29.45 43.90
N VAL A 329 -52.34 30.11 43.87
CA VAL A 329 -52.52 31.55 43.60
C VAL A 329 -53.74 32.11 44.40
N THR A 330 -53.57 33.25 45.06
CA THR A 330 -54.65 33.83 45.89
C THR A 330 -54.79 35.33 45.65
N ASP A 334 -57.28 43.41 43.96
CA ASP A 334 -56.20 43.11 44.89
C ASP A 334 -55.02 42.56 44.08
N SER A 335 -53.87 42.40 44.75
CA SER A 335 -52.67 41.80 44.11
C SER A 335 -52.63 40.26 44.25
N TYR A 336 -52.18 39.56 43.21
CA TYR A 336 -52.15 38.09 43.24
C TYR A 336 -50.81 37.52 43.73
N SER A 337 -50.87 36.54 44.62
CA SER A 337 -49.64 35.96 45.21
C SER A 337 -49.43 34.44 44.94
N LEU A 338 -48.27 34.10 44.38
CA LEU A 338 -47.85 32.71 44.24
C LEU A 338 -47.23 32.16 45.53
N ARG A 339 -47.66 30.98 45.94
CA ARG A 339 -47.14 30.30 47.13
C ARG A 339 -46.84 28.87 46.71
N TRP A 340 -45.84 28.26 47.30
CA TRP A 340 -45.54 26.87 46.96
C TRP A 340 -44.96 26.11 48.18
N GLU A 341 -45.09 24.78 48.18
CA GLU A 341 -44.47 23.96 49.21
C GLU A 341 -43.63 22.87 48.53
N THR A 342 -42.51 22.54 49.20
CA THR A 342 -41.50 21.58 48.71
C THR A 342 -41.26 20.48 49.77
N ASP A 351 -32.84 24.95 52.45
CA ASP A 351 -31.78 25.00 51.43
C ASP A 351 -32.14 24.78 49.93
N HIS A 352 -33.16 25.49 49.44
CA HIS A 352 -33.69 25.29 48.06
C HIS A 352 -33.58 26.48 47.09
N THR A 353 -33.48 26.18 45.80
CA THR A 353 -33.58 27.24 44.79
C THR A 353 -34.80 27.00 43.92
N PHE A 354 -35.64 28.01 43.81
CA PHE A 354 -36.86 27.94 43.02
C PHE A 354 -36.79 28.80 41.78
N GLU A 355 -37.23 28.25 40.65
CA GLU A 355 -37.51 29.10 39.48
C GLU A 355 -39.00 29.21 39.28
N ILE A 356 -39.45 30.44 39.12
CA ILE A 356 -40.86 30.73 38.91
C ILE A 356 -41.07 31.31 37.51
N GLN A 357 -42.04 30.78 36.77
CA GLN A 357 -42.40 31.34 35.48
C GLN A 357 -43.89 31.63 35.47
N TYR A 358 -44.27 32.73 34.81
CA TYR A 358 -45.68 33.07 34.46
C TYR A 358 -45.74 33.39 32.97
N ARG A 359 -46.94 33.46 32.39
CA ARG A 359 -47.08 33.70 30.93
C ARG A 359 -48.38 34.38 30.54
N LYS A 360 -48.35 35.04 29.37
CA LYS A 360 -49.55 35.40 28.60
C LYS A 360 -49.89 34.24 27.66
N ASP A 361 -51.13 34.22 27.18
CA ASP A 361 -51.71 33.01 26.62
C ASP A 361 -51.42 32.76 25.14
N THR A 362 -51.25 33.82 24.35
CA THR A 362 -50.77 33.67 22.96
C THR A 362 -49.24 33.59 22.89
N ALA A 363 -48.56 34.06 23.94
CA ALA A 363 -47.11 33.89 24.07
C ALA A 363 -46.77 32.57 24.79
N THR A 364 -45.63 31.99 24.44
CA THR A 364 -45.18 30.69 24.96
C THR A 364 -44.52 30.79 26.37
N TRP A 365 -43.32 30.22 26.54
CA TRP A 365 -42.53 30.39 27.77
C TRP A 365 -41.22 31.13 27.46
N LYS A 366 -40.48 30.69 26.44
CA LYS A 366 -39.27 31.41 26.02
C LYS A 366 -39.59 32.84 25.54
N ASP A 367 -40.77 33.32 25.92
CA ASP A 367 -41.20 34.71 25.76
C ASP A 367 -41.47 35.26 27.16
N SER A 368 -42.05 34.39 27.98
CA SER A 368 -42.52 34.69 29.34
C SER A 368 -41.41 35.07 30.34
N LYS A 369 -41.81 35.75 31.41
CA LYS A 369 -40.88 36.23 32.44
C LYS A 369 -40.36 35.11 33.35
N THR A 370 -39.04 35.12 33.56
CA THR A 370 -38.25 34.00 34.10
C THR A 370 -37.48 34.39 35.40
N GLU A 371 -37.75 33.73 36.53
CA GLU A 371 -37.19 34.22 37.81
C GLU A 371 -36.76 33.18 38.86
N THR A 372 -35.61 33.47 39.48
CA THR A 372 -34.99 32.63 40.50
C THR A 372 -35.19 33.19 41.91
N LEU A 373 -35.69 32.34 42.82
CA LEU A 373 -35.91 32.70 44.22
C LEU A 373 -35.32 31.68 45.20
N GLN A 374 -34.41 32.14 46.05
CA GLN A 374 -33.62 31.23 46.87
C GLN A 374 -34.18 31.16 48.28
N ASN A 375 -34.82 30.06 48.61
CA ASN A 375 -35.37 29.80 49.96
C ASN A 375 -36.59 30.69 50.25
N ALA A 376 -37.34 31.00 49.19
CA ALA A 376 -38.66 31.66 49.32
C ALA A 376 -39.76 30.64 49.02
N HIS A 377 -40.92 30.79 49.63
CA HIS A 377 -42.04 29.88 49.38
C HIS A 377 -43.20 30.68 48.82
N SER A 378 -42.91 31.95 48.55
CA SER A 378 -43.89 33.00 48.27
C SER A 378 -43.45 33.89 47.16
N MET A 379 -44.39 34.45 46.42
CA MET A 379 -44.06 35.47 45.45
C MET A 379 -45.25 36.37 45.12
N ALA A 380 -45.03 37.68 45.21
CA ALA A 380 -46.02 38.68 44.83
C ALA A 380 -45.82 39.11 43.38
N LEU A 381 -46.91 39.53 42.73
CA LEU A 381 -46.93 39.84 41.30
C LEU A 381 -47.26 41.32 41.05
N PRO A 382 -46.67 41.92 40.00
CA PRO A 382 -46.85 43.36 39.67
C PRO A 382 -48.27 43.67 39.12
N ALA A 383 -48.43 44.75 38.35
CA ALA A 383 -49.69 45.00 37.66
C ALA A 383 -49.92 43.91 36.59
N LEU A 384 -51.16 43.49 36.43
CA LEU A 384 -51.50 42.55 35.38
C LEU A 384 -52.70 43.09 34.65
N GLU A 385 -52.99 42.52 33.48
CA GLU A 385 -54.19 42.88 32.74
C GLU A 385 -55.46 42.40 33.47
N PRO A 386 -56.38 43.36 33.76
CA PRO A 386 -57.70 43.17 34.39
C PRO A 386 -58.62 42.31 33.52
N SER A 387 -58.09 41.93 32.35
CA SER A 387 -58.75 41.07 31.39
C SER A 387 -58.18 39.65 31.45
N THR A 388 -56.87 39.52 31.19
CA THR A 388 -56.22 38.23 30.92
C THR A 388 -56.28 37.16 32.02
N ARG A 389 -55.93 35.93 31.65
CA ARG A 389 -56.04 34.76 32.51
C ARG A 389 -54.74 33.92 32.51
N TYR A 390 -53.74 34.40 33.25
CA TYR A 390 -52.35 33.92 33.14
C TYR A 390 -52.03 32.52 33.69
N TRP A 391 -50.87 32.00 33.30
CA TRP A 391 -50.39 30.71 33.78
C TRP A 391 -49.02 30.84 34.47
N ALA A 392 -48.64 29.81 35.23
CA ALA A 392 -47.54 29.90 36.18
C ALA A 392 -47.04 28.52 36.60
N ARG A 393 -45.75 28.28 36.46
CA ARG A 393 -45.19 27.06 36.99
C ARG A 393 -43.96 27.44 37.82
N VAL A 394 -43.47 26.47 38.61
CA VAL A 394 -42.24 26.60 39.41
C VAL A 394 -41.51 25.29 39.37
N ARG A 395 -40.25 25.29 39.79
CA ARG A 395 -39.54 24.03 40.03
C ARG A 395 -38.40 24.25 41.00
N VAL A 396 -37.75 23.17 41.42
CA VAL A 396 -36.66 23.27 42.39
C VAL A 396 -35.43 22.39 42.26
N ARG A 397 -34.36 22.84 42.90
CA ARG A 397 -33.12 22.06 43.03
C ARG A 397 -32.52 22.40 44.44
N THR A 398 -31.42 21.76 44.85
CA THR A 398 -30.81 22.18 46.12
C THR A 398 -29.73 23.21 45.91
N SER A 399 -29.44 23.89 47.02
CA SER A 399 -28.29 24.72 47.20
C SER A 399 -27.37 24.13 48.30
N ARG A 400 -27.86 23.12 49.02
CA ARG A 400 -27.06 22.55 50.10
C ARG A 400 -25.67 22.15 49.57
N THR A 401 -24.66 22.62 50.28
CA THR A 401 -23.35 22.87 49.72
C THR A 401 -22.51 21.69 49.17
N GLY A 402 -22.74 20.48 49.63
CA GLY A 402 -22.03 19.38 49.00
C GLY A 402 -22.92 18.59 48.07
N TYR A 403 -24.13 19.16 47.81
CA TYR A 403 -25.22 18.52 47.07
C TYR A 403 -25.42 19.11 45.69
N ASN A 404 -26.09 18.34 44.83
CA ASN A 404 -26.33 18.68 43.42
C ASN A 404 -27.45 17.84 42.83
N GLY A 405 -27.76 18.09 41.58
CA GLY A 405 -28.77 17.33 40.91
C GLY A 405 -29.19 17.95 39.62
N ILE A 406 -30.47 17.86 39.36
CA ILE A 406 -31.05 18.27 38.08
C ILE A 406 -32.25 19.09 38.52
N TRP A 407 -32.69 20.04 37.69
CA TRP A 407 -33.89 20.80 38.02
C TRP A 407 -35.07 19.88 38.22
N SER A 408 -36.01 20.26 39.05
CA SER A 408 -37.23 19.46 39.15
C SER A 408 -38.09 19.55 37.85
N GLU A 409 -39.02 18.60 37.70
CA GLU A 409 -40.02 18.79 36.66
C GLU A 409 -40.83 20.03 37.07
N TRP A 410 -41.49 20.67 36.12
CA TRP A 410 -42.37 21.76 36.51
C TRP A 410 -43.54 21.29 37.36
N SER A 411 -43.84 22.12 38.36
CA SER A 411 -45.05 22.00 39.13
C SER A 411 -46.26 22.02 38.19
N GLU A 412 -47.36 21.45 38.65
CA GLU A 412 -48.63 21.63 38.00
C GLU A 412 -48.74 23.10 37.59
N ALA A 413 -48.80 23.38 36.29
CA ALA A 413 -49.19 24.72 35.82
C ALA A 413 -50.60 25.15 36.34
N ARG A 414 -50.64 26.27 37.07
CA ARG A 414 -51.88 26.86 37.68
C ARG A 414 -52.37 28.14 36.96
N SER A 415 -53.69 28.32 36.93
CA SER A 415 -54.36 29.43 36.20
C SER A 415 -55.12 30.38 37.14
N TRP A 416 -55.40 31.58 36.66
CA TRP A 416 -56.27 32.57 37.32
C TRP A 416 -56.53 33.66 36.31
N ASP A 417 -57.70 34.29 36.44
CA ASP A 417 -58.08 35.37 35.54
C ASP A 417 -58.06 36.75 36.25
N THR A 418 -57.14 37.62 35.81
CA THR A 418 -56.95 38.93 36.42
C THR A 418 -58.02 39.92 35.97
N GLU B 1 -14.46 0.28 25.08
CA GLU B 1 -14.44 1.75 25.40
C GLU B 1 -15.57 2.21 26.34
N GLU B 2 -16.36 1.25 26.87
CA GLU B 2 -17.43 1.49 27.88
C GLU B 2 -18.82 1.32 27.27
N THR B 3 -19.56 0.35 27.77
CA THR B 3 -20.83 -0.03 27.17
C THR B 3 -21.78 1.15 26.94
N ILE B 4 -22.69 1.02 26.00
CA ILE B 4 -23.65 2.10 25.80
C ILE B 4 -24.58 2.22 27.04
N PRO B 5 -25.05 1.07 27.58
CA PRO B 5 -25.85 1.20 28.82
C PRO B 5 -25.12 2.05 29.89
N LEU B 6 -23.88 1.71 30.18
CA LEU B 6 -23.16 2.43 31.18
C LEU B 6 -22.94 3.91 30.86
N GLN B 7 -22.67 4.28 29.60
CA GLN B 7 -22.60 5.70 29.17
C GLN B 7 -23.89 6.47 29.32
N THR B 8 -25.01 5.89 28.91
CA THR B 8 -26.30 6.53 28.96
C THR B 8 -27.00 6.52 30.36
N LEU B 9 -26.55 5.68 31.29
CA LEU B 9 -27.24 5.59 32.61
C LEU B 9 -27.10 6.89 33.40
N ARG B 10 -28.24 7.42 33.81
CA ARG B 10 -28.32 8.49 34.78
C ARG B 10 -29.37 8.06 35.79
N CYS B 11 -28.98 8.02 37.06
CA CYS B 11 -29.92 7.67 38.13
C CYS B 11 -30.00 8.81 39.11
N TYR B 12 -31.19 9.45 39.13
CA TYR B 12 -31.52 10.53 40.04
C TYR B 12 -32.58 10.14 41.06
N ASN B 13 -32.49 10.71 42.27
CA ASN B 13 -33.35 10.34 43.40
C ASN B 13 -34.11 11.50 43.96
N ASP B 14 -35.18 11.27 44.74
CA ASP B 14 -35.91 12.35 45.44
C ASP B 14 -35.38 12.57 46.88
N TYR B 15 -34.28 11.89 47.19
CA TYR B 15 -33.61 11.93 48.49
C TYR B 15 -34.52 11.57 49.67
N THR B 16 -35.67 10.94 49.36
CA THR B 16 -36.65 10.47 50.38
C THR B 16 -37.14 9.03 50.15
N SER B 17 -37.56 8.67 48.93
CA SER B 17 -38.18 7.35 48.66
C SER B 17 -37.80 6.64 47.35
N HIS B 18 -37.45 7.42 46.34
CA HIS B 18 -37.22 6.98 44.95
C HIS B 18 -35.76 6.90 44.55
N ILE B 19 -35.50 6.16 43.48
CA ILE B 19 -34.45 6.47 42.52
C ILE B 19 -35.06 6.16 41.15
N THR B 20 -34.94 7.06 40.19
CA THR B 20 -35.38 6.75 38.82
C THR B 20 -34.18 6.64 37.90
N CYS B 21 -34.07 5.50 37.23
CA CYS B 21 -32.94 5.25 36.34
C CYS B 21 -33.40 5.33 34.92
N ARG B 22 -32.53 5.89 34.11
CA ARG B 22 -32.73 5.98 32.68
C ARG B 22 -31.44 5.62 31.98
N TRP B 23 -31.56 4.63 31.11
CA TRP B 23 -30.44 4.09 30.40
C TRP B 23 -30.98 3.47 29.11
N ALA B 24 -30.09 3.29 28.14
CA ALA B 24 -30.46 2.70 26.85
C ALA B 24 -29.46 1.69 26.30
N ASP B 25 -29.84 1.13 25.17
CA ASP B 25 -29.36 -0.10 24.62
C ASP B 25 -29.39 0.19 23.14
N THR B 26 -28.78 -0.63 22.31
CA THR B 26 -29.07 -0.54 20.87
C THR B 26 -29.84 -1.77 20.38
N GLN B 27 -30.55 -1.65 19.26
CA GLN B 27 -31.16 -2.82 18.67
C GLN B 27 -30.07 -3.68 18.09
N ASP B 28 -29.03 -3.01 17.61
CA ASP B 28 -27.92 -3.72 17.04
C ASP B 28 -27.40 -4.76 18.04
N ALA B 29 -27.26 -4.35 19.29
CA ALA B 29 -26.82 -5.27 20.35
C ALA B 29 -27.86 -6.33 20.69
N GLN B 30 -29.12 -5.97 20.62
CA GLN B 30 -30.16 -6.82 21.14
C GLN B 30 -30.45 -8.01 20.26
N ARG B 31 -30.05 -7.93 18.99
CA ARG B 31 -30.15 -9.09 18.14
C ARG B 31 -29.13 -10.14 18.58
N LEU B 32 -28.12 -9.70 19.32
CA LEU B 32 -27.14 -10.62 19.89
C LEU B 32 -27.25 -10.83 21.42
N VAL B 33 -27.48 -9.75 22.19
CA VAL B 33 -27.54 -9.78 23.68
C VAL B 33 -28.55 -8.84 24.27
N ASN B 34 -29.07 -9.20 25.45
CA ASN B 34 -29.87 -8.31 26.27
C ASN B 34 -29.27 -8.21 27.67
N VAL B 35 -29.62 -7.17 28.42
CA VAL B 35 -29.00 -6.91 29.72
C VAL B 35 -29.98 -6.32 30.71
N THR B 36 -29.83 -6.63 31.98
CA THR B 36 -30.74 -6.08 32.98
C THR B 36 -30.01 -4.98 33.70
N LEU B 37 -30.70 -3.99 34.24
CA LEU B 37 -30.04 -3.10 35.19
C LEU B 37 -29.91 -3.82 36.54
N ILE B 38 -28.73 -3.76 37.15
CA ILE B 38 -28.52 -4.44 38.42
C ILE B 38 -28.01 -3.46 39.44
N ARG B 39 -28.56 -3.52 40.65
CA ARG B 39 -28.07 -2.71 41.76
C ARG B 39 -27.52 -3.59 42.84
N ARG B 40 -26.48 -3.15 43.48
CA ARG B 40 -25.86 -4.05 44.40
C ARG B 40 -25.81 -3.48 45.83
N VAL B 41 -26.14 -4.35 46.78
CA VAL B 41 -26.37 -4.02 48.18
C VAL B 41 -25.05 -3.90 48.98
N ASN B 42 -24.40 -5.03 49.21
CA ASN B 42 -23.07 -5.03 49.78
C ASN B 42 -22.14 -5.81 48.85
N GLU B 43 -20.93 -6.12 49.33
CA GLU B 43 -19.95 -6.82 48.53
C GLU B 43 -20.57 -8.08 47.90
N ASP B 44 -21.69 -8.56 48.50
CA ASP B 44 -22.45 -9.76 48.03
C ASP B 44 -23.76 -9.43 47.26
N LEU B 45 -24.87 -9.25 47.99
CA LEU B 45 -26.20 -9.11 47.40
C LEU B 45 -26.19 -8.20 46.20
N LEU B 46 -26.73 -8.72 45.10
CA LEU B 46 -26.84 -7.97 43.86
C LEU B 46 -28.29 -8.06 43.39
N GLU B 47 -29.04 -6.99 43.58
CA GLU B 47 -30.47 -6.96 43.24
C GLU B 47 -30.78 -6.50 41.82
N PRO B 48 -31.51 -7.32 41.05
CA PRO B 48 -32.15 -6.92 39.79
C PRO B 48 -32.93 -5.63 39.95
N VAL B 49 -33.27 -4.99 38.84
CA VAL B 49 -33.98 -3.74 38.88
C VAL B 49 -35.09 -3.86 37.85
N SER B 50 -36.22 -3.23 38.11
CA SER B 50 -37.42 -3.37 37.23
C SER B 50 -37.55 -2.16 36.30
N CYS B 51 -37.23 -2.40 35.02
CA CYS B 51 -37.30 -1.36 34.01
C CYS B 51 -38.35 -1.71 33.01
N ASP B 52 -38.95 -0.68 32.44
CA ASP B 52 -39.74 -0.91 31.28
C ASP B 52 -39.32 0.03 30.19
N LEU B 53 -39.78 -0.28 28.97
CA LEU B 53 -39.48 0.52 27.80
C LEU B 53 -39.83 1.99 28.03
N SER B 54 -38.95 2.89 27.61
CA SER B 54 -39.30 4.30 27.58
C SER B 54 -39.08 4.83 26.18
N ASP B 55 -39.95 5.73 25.75
CA ASP B 55 -39.85 6.20 24.39
C ASP B 55 -38.92 7.39 24.31
N ASP B 56 -38.43 7.80 25.48
CA ASP B 56 -37.53 8.93 25.54
C ASP B 56 -36.27 8.74 26.42
N MET B 57 -35.37 9.70 26.23
CA MET B 57 -34.04 9.75 26.80
C MET B 57 -33.78 11.20 27.24
N PRO B 58 -34.49 11.67 28.28
CA PRO B 58 -34.33 13.10 28.60
C PRO B 58 -33.08 13.48 29.42
N TRP B 59 -32.26 12.52 29.86
CA TRP B 59 -31.12 12.84 30.74
C TRP B 59 -29.78 12.75 30.09
N SER B 60 -29.66 11.91 29.07
CA SER B 60 -28.43 11.81 28.37
C SER B 60 -28.70 11.54 26.93
N ALA B 61 -27.85 12.07 26.04
CA ALA B 61 -27.86 11.68 24.63
C ALA B 61 -27.40 10.21 24.44
N CYS B 62 -28.00 9.54 23.47
CA CYS B 62 -27.55 8.22 23.07
C CYS B 62 -26.86 8.30 21.67
N PRO B 63 -25.54 8.03 21.64
CA PRO B 63 -24.69 8.08 20.43
C PRO B 63 -24.81 6.78 19.58
N HIS B 64 -25.81 6.75 18.71
CA HIS B 64 -26.18 5.59 17.92
C HIS B 64 -27.61 5.91 17.48
N PRO B 65 -27.92 5.68 16.20
CA PRO B 65 -29.27 6.05 15.73
C PRO B 65 -30.40 5.07 16.13
N ARG B 66 -30.08 3.99 16.85
CA ARG B 66 -30.98 2.84 17.00
C ARG B 66 -31.19 2.40 18.47
N CYS B 67 -31.41 3.38 19.35
CA CYS B 67 -31.40 3.15 20.80
C CYS B 67 -32.72 2.66 21.37
N VAL B 68 -32.65 1.83 22.42
CA VAL B 68 -33.86 1.39 23.11
C VAL B 68 -33.81 1.90 24.55
N PRO B 69 -34.45 3.06 24.81
CA PRO B 69 -34.37 3.68 26.13
C PRO B 69 -35.17 2.93 27.21
N ARG B 70 -34.64 2.94 28.44
CA ARG B 70 -35.35 2.38 29.60
C ARG B 70 -35.59 3.42 30.68
N ARG B 71 -36.53 3.08 31.57
CA ARG B 71 -36.85 3.87 32.76
C ARG B 71 -37.25 2.98 33.94
N CYS B 72 -36.55 3.10 35.07
CA CYS B 72 -36.76 2.17 36.19
C CYS B 72 -36.92 2.90 37.49
N VAL B 73 -37.65 2.30 38.41
CA VAL B 73 -37.89 2.95 39.68
C VAL B 73 -37.39 2.02 40.75
N ILE B 74 -36.57 2.51 41.66
CA ILE B 74 -36.08 1.65 42.72
C ILE B 74 -36.52 2.20 44.11
N PRO B 75 -37.30 1.42 44.85
CA PRO B 75 -37.70 1.98 46.14
C PRO B 75 -36.54 2.09 47.16
N CYS B 76 -36.62 3.06 48.08
CA CYS B 76 -35.66 3.25 49.17
C CYS B 76 -36.42 3.81 50.37
N GLN B 77 -35.96 3.55 51.60
CA GLN B 77 -36.47 4.27 52.78
C GLN B 77 -35.45 5.24 53.39
N SER B 78 -34.25 5.34 52.82
CA SER B 78 -33.17 6.09 53.49
C SER B 78 -32.19 6.77 52.55
N PHE B 79 -31.77 7.99 52.89
CA PHE B 79 -30.73 8.68 52.13
C PHE B 79 -29.81 9.49 53.01
N VAL B 80 -28.51 9.33 52.82
CA VAL B 80 -27.50 9.98 53.66
C VAL B 80 -26.30 10.45 52.78
N VAL B 81 -25.72 11.62 53.10
CA VAL B 81 -24.64 12.27 52.30
C VAL B 81 -23.62 11.29 51.69
N THR B 82 -23.38 10.18 52.39
CA THR B 82 -22.33 9.21 52.09
C THR B 82 -22.77 8.05 51.19
N ASP B 83 -24.08 7.95 50.95
CA ASP B 83 -24.65 6.86 50.18
C ASP B 83 -24.29 6.85 48.72
N VAL B 84 -23.81 5.70 48.28
CA VAL B 84 -23.42 5.52 46.90
C VAL B 84 -24.07 4.23 46.44
N ASP B 85 -24.88 4.31 45.39
CA ASP B 85 -25.35 3.08 44.74
C ASP B 85 -24.37 2.65 43.64
N TYR B 86 -24.16 1.34 43.51
CA TYR B 86 -23.27 0.79 42.50
C TYR B 86 -24.10 0.06 41.45
N PHE B 87 -24.04 0.49 40.20
CA PHE B 87 -24.90 -0.06 39.15
C PHE B 87 -24.16 -0.81 38.05
N SER B 88 -24.83 -1.83 37.52
CA SER B 88 -24.29 -2.83 36.61
C SER B 88 -25.31 -3.32 35.60
N PHE B 89 -24.81 -3.99 34.57
CA PHE B 89 -25.65 -4.74 33.66
C PHE B 89 -25.27 -6.24 33.55
N GLN B 90 -26.19 -7.15 33.94
CA GLN B 90 -26.04 -8.59 33.66
C GLN B 90 -26.67 -8.90 32.31
N PRO B 91 -25.90 -9.56 31.42
CA PRO B 91 -26.40 -10.10 30.16
C PRO B 91 -27.36 -11.26 30.36
N ASP B 92 -28.30 -11.45 29.43
CA ASP B 92 -29.29 -12.57 29.45
C ASP B 92 -28.72 -14.01 29.63
N ARG B 93 -27.51 -14.31 29.14
CA ARG B 93 -26.94 -15.68 29.31
C ARG B 93 -25.46 -15.62 29.64
N PRO B 94 -24.89 -16.70 30.17
CA PRO B 94 -23.45 -16.68 30.36
C PRO B 94 -22.71 -16.55 29.02
N LEU B 95 -21.78 -15.61 28.92
CA LEU B 95 -20.91 -15.51 27.75
C LEU B 95 -19.46 -15.43 28.22
N GLY B 96 -18.56 -16.04 27.44
CA GLY B 96 -17.19 -16.17 27.88
C GLY B 96 -16.43 -17.13 27.01
N THR B 97 -15.19 -17.40 27.38
CA THR B 97 -14.43 -18.55 26.88
C THR B 97 -13.32 -18.87 27.85
N ARG B 98 -12.89 -20.12 27.85
CA ARG B 98 -11.61 -20.38 28.49
C ARG B 98 -10.60 -21.04 27.58
N LEU B 99 -9.38 -21.14 28.08
CA LEU B 99 -8.30 -21.82 27.40
C LEU B 99 -7.49 -22.37 28.53
N THR B 100 -7.15 -23.65 28.50
CA THR B 100 -6.12 -24.04 29.45
C THR B 100 -4.76 -24.10 28.75
N VAL B 101 -3.88 -23.22 29.19
CA VAL B 101 -2.56 -23.01 28.63
C VAL B 101 -1.56 -23.78 29.45
N THR B 102 -0.93 -24.79 28.86
CA THR B 102 0.31 -25.28 29.40
C THR B 102 1.42 -24.39 28.84
N LEU B 103 2.02 -23.60 29.72
CA LEU B 103 3.06 -22.65 29.32
C LEU B 103 4.10 -23.21 28.35
N THR B 104 4.45 -24.49 28.53
CA THR B 104 5.53 -25.10 27.75
C THR B 104 5.10 -25.23 26.30
N GLN B 105 3.79 -25.27 26.05
CA GLN B 105 3.29 -25.37 24.68
C GLN B 105 2.77 -24.04 24.15
N HIS B 106 2.94 -22.98 24.92
CA HIS B 106 2.52 -21.67 24.43
C HIS B 106 3.65 -20.67 24.55
N VAL B 107 4.79 -21.03 24.00
CA VAL B 107 5.91 -20.13 24.12
C VAL B 107 6.05 -19.26 22.90
N GLN B 108 6.08 -17.96 23.09
CA GLN B 108 6.54 -17.08 22.04
C GLN B 108 7.80 -16.46 22.53
N PRO B 109 8.92 -16.93 21.98
CA PRO B 109 10.28 -16.55 22.36
C PRO B 109 10.47 -15.07 22.07
N PRO B 110 11.38 -14.39 22.78
CA PRO B 110 11.48 -12.95 22.54
C PRO B 110 12.06 -12.66 21.16
N GLU B 111 11.74 -11.51 20.62
CA GLU B 111 12.17 -11.19 19.27
C GLU B 111 13.61 -10.76 19.31
N PRO B 112 14.36 -11.04 18.23
CA PRO B 112 15.75 -10.66 18.20
C PRO B 112 15.84 -9.17 18.08
N ARG B 113 16.98 -8.62 18.37
CA ARG B 113 17.15 -7.19 18.24
C ARG B 113 18.62 -6.91 18.16
N ASP B 114 18.93 -5.63 18.03
CA ASP B 114 20.28 -5.18 17.90
C ASP B 114 20.85 -5.79 16.65
N LEU B 115 19.99 -6.03 15.69
CA LEU B 115 20.41 -6.58 14.40
C LEU B 115 21.51 -5.77 13.80
N GLN B 116 22.52 -6.45 13.29
CA GLN B 116 23.74 -5.75 12.82
C GLN B 116 24.51 -6.52 11.73
N ILE B 117 25.02 -5.83 10.70
CA ILE B 117 25.81 -6.49 9.63
C ILE B 117 27.28 -6.00 9.48
N SER B 118 28.25 -6.89 9.31
CA SER B 118 29.63 -6.44 9.00
C SER B 118 30.23 -7.14 7.77
N THR B 119 30.81 -6.40 6.82
CA THR B 119 31.32 -7.14 5.72
C THR B 119 32.64 -7.84 6.08
N ASP B 120 32.84 -9.05 5.62
CA ASP B 120 34.19 -9.61 5.56
C ASP B 120 34.37 -10.01 4.10
N GLN B 121 34.94 -9.10 3.34
CA GLN B 121 35.17 -9.29 1.91
C GLN B 121 33.86 -9.45 1.20
N ASP B 122 33.50 -10.66 0.83
CA ASP B 122 32.30 -10.80 0.03
C ASP B 122 31.28 -11.59 0.86
N HIS B 123 31.63 -11.89 2.10
CA HIS B 123 30.65 -12.35 3.05
C HIS B 123 30.20 -11.23 4.04
N PHE B 124 29.02 -11.40 4.62
CA PHE B 124 28.42 -10.45 5.52
C PHE B 124 28.00 -11.20 6.72
N LEU B 125 28.51 -10.83 7.88
CA LEU B 125 28.15 -11.51 9.11
C LEU B 125 27.04 -10.79 9.79
N LEU B 126 25.98 -11.50 10.11
CA LEU B 126 24.78 -10.89 10.65
C LEU B 126 24.68 -11.38 12.07
N THR B 127 24.69 -10.46 13.04
CA THR B 127 24.56 -10.81 14.44
C THR B 127 23.31 -10.18 15.01
N TRP B 128 22.88 -10.67 16.17
CA TRP B 128 21.76 -10.13 16.95
C TRP B 128 21.76 -10.78 18.30
N SER B 129 21.06 -10.21 19.25
CA SER B 129 20.92 -10.81 20.55
C SER B 129 19.46 -10.93 20.85
N VAL B 130 19.15 -11.58 21.98
CA VAL B 130 17.77 -11.78 22.43
C VAL B 130 17.73 -11.55 23.91
N ALA B 131 16.79 -10.74 24.39
CA ALA B 131 16.66 -10.54 25.85
C ALA B 131 16.09 -11.77 26.55
N LEU B 132 16.92 -12.42 27.36
CA LEU B 132 16.45 -13.49 28.23
C LEU B 132 16.67 -13.13 29.70
N HIS B 138 15.82 -19.11 34.08
CA HIS B 138 16.52 -20.09 33.26
C HIS B 138 15.56 -21.13 32.70
N TRP B 139 14.27 -20.81 32.73
CA TRP B 139 13.24 -21.67 32.11
C TRP B 139 13.28 -21.76 30.58
N LEU B 140 13.83 -20.72 29.96
CA LEU B 140 14.00 -20.65 28.54
C LEU B 140 15.47 -20.30 28.33
N SER B 141 16.28 -21.29 27.96
CA SER B 141 17.73 -21.12 27.77
C SER B 141 18.02 -20.86 26.31
N PRO B 142 19.19 -20.29 26.00
CA PRO B 142 19.47 -20.04 24.58
C PRO B 142 19.44 -21.29 23.71
N GLY B 143 19.74 -22.46 24.26
CA GLY B 143 19.68 -23.73 23.51
C GLY B 143 18.27 -24.20 23.19
N ASP B 144 17.27 -23.51 23.71
CA ASP B 144 15.89 -23.82 23.38
C ASP B 144 15.54 -23.17 22.05
N LEU B 145 16.42 -22.27 21.64
CA LEU B 145 16.10 -21.32 20.60
C LEU B 145 16.70 -21.71 19.27
N GLU B 146 16.08 -21.21 18.22
CA GLU B 146 16.59 -21.34 16.88
C GLU B 146 16.11 -20.11 16.12
N PHE B 147 16.91 -19.58 15.23
CA PHE B 147 16.54 -18.33 14.58
C PHE B 147 16.25 -18.51 13.13
N GLU B 148 15.32 -17.71 12.63
CA GLU B 148 14.96 -17.75 11.21
C GLU B 148 15.31 -16.45 10.52
N VAL B 149 16.27 -16.47 9.59
CA VAL B 149 16.56 -15.21 8.93
C VAL B 149 16.05 -15.19 7.53
N VAL B 150 15.42 -14.06 7.20
CA VAL B 150 14.89 -13.82 5.87
C VAL B 150 15.58 -12.60 5.23
N TYR B 151 15.97 -12.73 3.96
CA TYR B 151 16.65 -11.63 3.26
C TYR B 151 16.14 -11.51 1.86
N LYS B 152 16.18 -10.28 1.33
CA LYS B 152 15.72 -9.99 -0.02
C LYS B 152 16.41 -8.70 -0.52
N ARG B 153 16.47 -8.47 -1.82
CA ARG B 153 16.90 -7.19 -2.30
C ARG B 153 15.84 -6.21 -1.88
N LEU B 154 16.29 -4.96 -1.69
CA LEU B 154 15.42 -3.86 -1.28
C LEU B 154 14.18 -3.72 -2.15
N GLN B 155 14.31 -3.89 -3.47
CA GLN B 155 13.16 -3.81 -4.40
C GLN B 155 12.26 -5.05 -4.60
N ASP B 156 12.29 -6.04 -3.68
CA ASP B 156 11.52 -7.29 -3.86
C ASP B 156 10.40 -7.40 -2.82
N SER B 157 9.37 -8.21 -3.10
CA SER B 157 8.43 -8.55 -2.02
C SER B 157 9.14 -9.36 -0.90
N TRP B 158 8.62 -9.25 0.33
CA TRP B 158 8.97 -10.18 1.38
C TRP B 158 8.44 -11.55 1.00
N GLU B 159 7.40 -11.58 0.16
CA GLU B 159 6.69 -12.81 -0.21
C GLU B 159 7.70 -13.82 -0.72
N ASP B 160 8.52 -13.33 -1.62
CA ASP B 160 9.48 -14.13 -2.33
C ASP B 160 10.87 -13.87 -1.70
N ALA B 161 11.18 -14.52 -0.57
CA ALA B 161 12.53 -14.32 0.00
C ALA B 161 13.12 -15.54 0.61
N ALA B 162 14.43 -15.65 0.49
CA ALA B 162 15.13 -16.83 0.96
C ALA B 162 15.19 -16.85 2.50
N ILE B 163 14.99 -18.03 3.08
CA ILE B 163 15.22 -18.15 4.51
C ILE B 163 16.58 -18.79 4.74
N LEU B 164 17.09 -18.63 5.94
CA LEU B 164 18.35 -19.21 6.37
C LEU B 164 18.12 -19.49 7.83
N LEU B 165 18.39 -20.69 8.29
CA LEU B 165 18.21 -21.00 9.71
C LEU B 165 19.51 -21.03 10.51
N SER B 166 19.52 -20.47 11.73
CA SER B 166 20.69 -20.62 12.61
C SER B 166 20.33 -21.14 14.02
N ASN B 167 21.19 -21.96 14.63
CA ASN B 167 20.98 -22.44 16.00
C ASN B 167 21.66 -21.46 16.97
N THR B 168 22.52 -20.60 16.43
CA THR B 168 23.09 -19.56 17.26
C THR B 168 22.64 -18.21 16.72
N SER B 169 23.00 -17.14 17.42
CA SER B 169 22.49 -15.88 16.99
C SER B 169 23.41 -15.09 16.05
N GLN B 170 23.85 -15.76 15.01
CA GLN B 170 24.46 -15.09 13.87
C GLN B 170 24.33 -15.94 12.62
N ALA B 171 24.46 -15.31 11.47
CA ALA B 171 24.48 -16.05 10.21
C ALA B 171 25.41 -15.32 9.28
N THR B 172 26.01 -16.05 8.34
CA THR B 172 26.93 -15.48 7.36
C THR B 172 26.20 -15.58 6.07
N LEU B 173 26.14 -14.50 5.32
CA LEU B 173 25.50 -14.49 4.01
C LEU B 173 26.59 -14.34 3.00
N GLY B 174 26.61 -15.19 2.00
CA GLY B 174 27.69 -15.12 1.03
C GLY B 174 27.26 -14.81 -0.38
N PRO B 175 28.18 -14.94 -1.35
CA PRO B 175 27.84 -14.82 -2.74
C PRO B 175 26.94 -15.96 -3.27
N GLU B 176 26.83 -17.08 -2.57
CA GLU B 176 25.85 -18.10 -2.96
C GLU B 176 24.43 -17.62 -2.63
N HIS B 177 24.29 -16.68 -1.67
CA HIS B 177 23.01 -16.12 -1.30
C HIS B 177 22.75 -14.74 -1.94
N LEU B 178 23.77 -13.93 -2.18
CA LEU B 178 23.53 -12.56 -2.64
C LEU B 178 23.93 -12.28 -4.08
N MET B 179 23.13 -11.49 -4.79
CA MET B 179 23.60 -10.91 -6.04
C MET B 179 24.47 -9.68 -5.75
N PRO B 180 25.54 -9.51 -6.54
CA PRO B 180 26.46 -8.38 -6.33
C PRO B 180 25.79 -7.03 -6.65
N SER B 181 26.47 -5.95 -6.26
CA SER B 181 25.96 -4.58 -6.29
C SER B 181 24.44 -4.40 -6.18
N SER B 182 23.86 -4.92 -5.10
CA SER B 182 22.49 -4.67 -4.72
C SER B 182 22.44 -4.27 -3.26
N THR B 183 21.35 -3.59 -2.89
CA THR B 183 21.03 -3.33 -1.49
C THR B 183 20.14 -4.49 -1.04
N TYR B 184 20.49 -5.08 0.07
CA TYR B 184 19.74 -6.15 0.62
C TYR B 184 19.15 -5.70 1.94
N VAL B 185 17.98 -6.24 2.27
CA VAL B 185 17.29 -6.09 3.58
C VAL B 185 17.25 -7.49 4.25
N ALA B 186 17.43 -7.57 5.56
CA ALA B 186 17.25 -8.84 6.28
C ALA B 186 16.45 -8.63 7.57
N ARG B 187 15.74 -9.67 8.02
CA ARG B 187 15.05 -9.61 9.27
C ARG B 187 15.11 -10.95 9.97
N VAL B 188 14.80 -11.03 11.25
CA VAL B 188 15.11 -12.24 11.97
C VAL B 188 14.03 -12.43 13.02
N ARG B 189 13.61 -13.68 13.22
CA ARG B 189 12.71 -13.99 14.29
C ARG B 189 13.17 -15.28 14.94
N THR B 190 12.72 -15.49 16.18
CA THR B 190 13.25 -16.54 17.00
C THR B 190 12.20 -17.57 17.02
N ARG B 191 12.63 -18.81 16.93
CA ARG B 191 11.76 -19.91 16.74
C ARG B 191 12.12 -20.86 17.87
N LEU B 192 11.18 -21.63 18.40
CA LEU B 192 11.60 -22.75 19.27
C LEU B 192 12.34 -23.91 18.54
N ALA B 193 13.41 -24.42 19.15
CA ALA B 193 14.21 -25.50 18.56
C ALA B 193 13.43 -26.78 18.49
N PRO B 194 13.56 -27.51 17.36
CA PRO B 194 13.00 -28.84 17.21
C PRO B 194 13.21 -29.61 18.49
N GLY B 195 14.41 -29.53 19.04
CA GLY B 195 14.80 -30.24 20.27
C GLY B 195 14.32 -29.67 21.60
N SER B 196 13.92 -28.39 21.65
CA SER B 196 13.46 -27.80 22.89
C SER B 196 12.34 -28.70 23.37
N ARG B 197 12.22 -28.82 24.69
CA ARG B 197 11.04 -29.32 25.34
C ARG B 197 9.85 -28.29 25.24
N LEU B 198 10.04 -27.17 24.54
CA LEU B 198 8.97 -26.21 24.45
C LEU B 198 8.62 -25.83 23.05
N SER B 199 7.34 -25.58 22.84
CA SER B 199 6.84 -25.16 21.55
C SER B 199 5.84 -24.04 21.79
N GLY B 200 5.48 -23.34 20.72
CA GLY B 200 4.54 -22.25 20.81
C GLY B 200 4.38 -21.72 19.42
N ARG B 201 4.94 -20.56 19.14
CA ARG B 201 5.04 -20.01 17.79
C ARG B 201 6.22 -19.04 17.87
N PRO B 202 6.70 -18.54 16.71
CA PRO B 202 7.91 -17.70 16.64
C PRO B 202 7.66 -16.23 16.96
N SER B 203 8.71 -15.49 17.24
CA SER B 203 8.51 -14.12 17.66
C SER B 203 8.06 -13.27 16.51
N LYS B 204 7.67 -12.04 16.83
CA LYS B 204 7.40 -11.07 15.80
C LYS B 204 8.76 -10.84 15.20
N TRP B 205 8.82 -10.27 14.00
CA TRP B 205 10.10 -10.06 13.36
C TRP B 205 10.83 -8.93 14.05
N SER B 206 12.14 -9.01 13.99
CA SER B 206 12.97 -7.93 14.43
C SER B 206 12.77 -6.77 13.47
N PRO B 207 13.34 -5.60 13.79
CA PRO B 207 13.32 -4.53 12.77
C PRO B 207 14.28 -4.96 11.66
N GLU B 208 14.37 -4.20 10.60
CA GLU B 208 15.07 -4.64 9.42
C GLU B 208 16.44 -4.08 9.48
N VAL B 209 17.40 -4.83 8.97
CA VAL B 209 18.69 -4.22 8.70
C VAL B 209 18.99 -4.32 7.22
N CYS B 210 19.83 -3.42 6.76
CA CYS B 210 19.87 -3.13 5.37
C CYS B 210 21.32 -2.93 4.97
N TRP B 211 21.77 -3.42 3.83
CA TRP B 211 23.21 -3.35 3.50
C TRP B 211 23.43 -3.55 2.05
N ASP B 212 24.62 -3.22 1.54
CA ASP B 212 24.96 -3.40 0.11
C ASP B 212 25.77 -4.64 -0.07
N SER B 213 25.56 -5.43 -1.12
CA SER B 213 26.36 -6.62 -1.34
C SER B 213 27.71 -6.27 -1.93
N GLN B 214 28.53 -7.27 -2.31
CA GLN B 214 29.80 -6.99 -2.99
C GLN B 214 29.58 -6.02 -4.14
N PRO B 215 30.38 -4.95 -4.19
CA PRO B 215 30.27 -4.09 -5.38
C PRO B 215 30.68 -4.94 -6.57
N GLY B 216 30.00 -4.77 -7.70
CA GLY B 216 30.44 -5.37 -8.96
C GLY B 216 30.24 -4.34 -10.04
N ASP B 217 29.73 -4.73 -11.20
CA ASP B 217 29.42 -3.76 -12.24
C ASP B 217 27.97 -3.44 -12.26
N GLU B 218 27.60 -2.21 -11.99
CA GLU B 218 26.21 -1.87 -11.86
C GLU B 218 25.42 -1.83 -13.18
N ALA B 219 26.13 -1.73 -14.31
CA ALA B 219 25.53 -1.78 -15.67
C ALA B 219 25.03 -3.18 -16.12
N GLN B 220 25.78 -4.21 -15.80
CA GLN B 220 25.43 -5.59 -16.16
C GLN B 220 23.97 -5.90 -15.90
N PRO B 221 23.26 -6.41 -16.91
CA PRO B 221 22.02 -7.02 -16.60
C PRO B 221 22.16 -8.08 -15.53
N GLN B 222 21.05 -8.32 -14.83
CA GLN B 222 21.10 -9.22 -13.69
C GLN B 222 19.86 -10.01 -13.49
N ASN B 223 19.97 -10.96 -12.59
CA ASN B 223 18.87 -11.80 -12.19
C ASN B 223 18.18 -12.48 -13.37
N LEU B 224 18.96 -12.98 -14.31
CA LEU B 224 18.41 -13.78 -15.38
C LEU B 224 17.85 -15.07 -14.78
N GLU B 225 16.55 -15.33 -15.02
CA GLU B 225 15.86 -16.51 -14.56
C GLU B 225 15.02 -17.15 -15.63
N CYS B 226 14.89 -18.46 -15.58
CA CYS B 226 14.17 -19.18 -16.60
C CYS B 226 13.48 -20.29 -15.92
N PHE B 227 12.23 -20.47 -16.28
CA PHE B 227 11.47 -21.55 -15.75
C PHE B 227 10.63 -22.09 -16.87
N PHE B 228 10.68 -23.40 -16.97
CA PHE B 228 10.03 -24.16 -17.99
C PHE B 228 8.66 -24.62 -17.43
N ASP B 229 7.58 -24.42 -18.20
CA ASP B 229 6.21 -24.81 -17.77
C ASP B 229 6.03 -26.30 -17.76
N GLY B 230 7.05 -27.04 -18.17
CA GLY B 230 6.88 -28.48 -18.31
C GLY B 230 6.19 -28.97 -19.59
N ALA B 231 5.95 -28.07 -20.53
CA ALA B 231 5.29 -28.41 -21.79
C ALA B 231 6.11 -27.92 -22.99
N ALA B 232 5.87 -26.66 -23.37
CA ALA B 232 6.53 -26.11 -24.54
C ALA B 232 7.13 -24.72 -24.38
N VAL B 233 7.10 -24.16 -23.17
CA VAL B 233 7.61 -22.77 -22.97
C VAL B 233 8.63 -22.61 -21.85
N LEU B 234 9.77 -21.97 -22.16
CA LEU B 234 10.80 -21.57 -21.14
C LEU B 234 10.72 -20.06 -20.95
N SER B 235 10.25 -19.63 -19.78
CA SER B 235 10.08 -18.20 -19.55
C SER B 235 11.27 -17.70 -18.87
N CYS B 236 11.92 -16.70 -19.47
CA CYS B 236 13.10 -16.12 -18.93
C CYS B 236 12.82 -14.70 -18.60
N SER B 237 13.31 -14.25 -17.46
CA SER B 237 13.26 -12.85 -17.21
C SER B 237 14.58 -12.35 -16.67
N TRP B 238 14.78 -11.04 -16.74
CA TRP B 238 15.99 -10.46 -16.19
C TRP B 238 15.83 -8.98 -15.97
N GLU B 239 16.75 -8.34 -15.24
CA GLU B 239 16.69 -6.90 -15.11
C GLU B 239 17.89 -6.17 -15.64
N VAL B 240 17.68 -4.89 -15.99
CA VAL B 240 18.76 -3.96 -16.35
C VAL B 240 18.40 -2.55 -15.85
N ARG B 241 19.38 -1.76 -15.47
CA ARG B 241 19.11 -0.41 -15.04
C ARG B 241 18.40 0.38 -16.11
N LYS B 242 17.31 1.07 -15.75
CA LYS B 242 16.64 2.09 -16.60
C LYS B 242 17.64 2.91 -17.39
N GLU B 243 18.69 3.41 -16.78
CA GLU B 243 19.57 4.30 -17.48
C GLU B 243 20.39 3.60 -18.56
N VAL B 244 20.70 2.33 -18.33
CA VAL B 244 21.55 1.55 -19.22
C VAL B 244 20.68 1.00 -20.31
N ALA B 245 19.45 0.62 -19.99
CA ALA B 245 18.54 0.22 -21.08
C ALA B 245 18.31 1.40 -22.07
N SER B 246 18.64 2.61 -21.69
CA SER B 246 18.32 3.71 -22.59
C SER B 246 19.48 3.94 -23.53
N SER B 247 20.67 3.44 -23.21
CA SER B 247 21.78 3.55 -24.16
C SER B 247 22.06 2.21 -24.85
N VAL B 248 21.63 1.09 -24.28
CA VAL B 248 21.95 -0.21 -24.84
C VAL B 248 20.70 -1.10 -25.09
N SER B 249 20.53 -1.60 -26.32
CA SER B 249 19.48 -2.59 -26.56
C SER B 249 19.98 -3.99 -26.30
N PHE B 250 19.44 -4.62 -25.24
CA PHE B 250 19.66 -6.03 -25.02
C PHE B 250 18.68 -6.95 -25.74
N GLY B 251 19.14 -8.11 -26.16
CA GLY B 251 18.25 -9.12 -26.62
C GLY B 251 18.44 -10.30 -25.69
N LEU B 252 17.50 -11.25 -25.72
CA LEU B 252 17.69 -12.59 -25.20
C LEU B 252 18.06 -13.61 -26.30
N PHE B 253 19.21 -14.26 -26.17
CA PHE B 253 19.59 -15.26 -27.16
C PHE B 253 19.67 -16.58 -26.43
N TYR B 254 19.34 -17.69 -27.10
CA TYR B 254 19.43 -19.04 -26.50
C TYR B 254 19.93 -20.01 -27.53
N LYS B 255 20.62 -21.04 -27.05
CA LYS B 255 20.98 -22.19 -27.91
C LYS B 255 21.10 -23.47 -27.10
N PRO B 256 20.73 -24.65 -27.67
CA PRO B 256 20.91 -25.87 -26.83
C PRO B 256 22.38 -26.11 -26.49
N SER B 257 22.72 -26.64 -25.33
CA SER B 257 24.13 -26.91 -25.11
C SER B 257 24.54 -28.07 -26.00
N PRO B 258 25.82 -28.08 -26.46
CA PRO B 258 26.32 -29.05 -27.49
C PRO B 258 26.07 -30.54 -27.16
N ASP B 259 25.50 -31.26 -28.12
CA ASP B 259 25.01 -32.61 -27.87
C ASP B 259 26.09 -33.66 -28.17
N ARG B 267 22.52 -23.64 -32.76
CA ARG B 267 22.99 -22.72 -33.81
C ARG B 267 22.70 -21.27 -33.44
N GLU B 268 21.96 -21.08 -32.35
CA GLU B 268 21.95 -19.76 -31.61
C GLU B 268 20.87 -18.73 -32.01
N GLU B 269 20.01 -18.32 -31.09
CA GLU B 269 18.72 -17.79 -31.54
C GLU B 269 18.30 -16.57 -30.77
N GLU B 270 17.41 -15.77 -31.34
CA GLU B 270 16.93 -14.65 -30.58
C GLU B 270 15.47 -14.77 -30.21
N CYS B 271 15.18 -14.61 -28.93
CA CYS B 271 13.85 -14.73 -28.41
C CYS B 271 13.12 -13.40 -28.62
N SER B 272 11.84 -13.45 -28.99
CA SER B 272 11.13 -12.24 -29.38
C SER B 272 9.65 -12.60 -29.16
N PRO B 273 8.79 -11.67 -28.73
CA PRO B 273 9.01 -10.29 -28.31
C PRO B 273 9.34 -10.27 -26.84
N VAL B 274 10.04 -9.22 -26.43
CA VAL B 274 10.40 -9.01 -25.02
C VAL B 274 9.39 -8.02 -24.39
N LEU B 275 8.75 -8.41 -23.28
CA LEU B 275 7.81 -7.53 -22.63
C LEU B 275 8.54 -6.81 -21.51
N ARG B 276 8.06 -5.63 -21.13
CA ARG B 276 8.72 -4.83 -20.10
C ARG B 276 7.81 -4.39 -18.98
N GLU B 277 8.42 -4.21 -17.82
CA GLU B 277 7.72 -3.93 -16.57
C GLU B 277 8.65 -3.09 -15.70
N GLY B 278 8.13 -2.11 -14.97
CA GLY B 278 8.93 -1.44 -13.92
C GLY B 278 9.33 -2.39 -12.78
N LEU B 279 10.55 -2.22 -12.27
CA LEU B 279 10.96 -2.93 -11.06
C LEU B 279 11.65 -1.89 -10.13
N GLY B 280 10.87 -1.30 -9.22
CA GLY B 280 11.37 -0.16 -8.47
C GLY B 280 11.76 0.96 -9.41
N SER B 281 12.48 1.91 -8.88
CA SER B 281 12.74 3.15 -9.63
C SER B 281 14.04 3.17 -10.43
N LEU B 282 14.75 2.04 -10.52
CA LEU B 282 16.01 2.04 -11.23
C LEU B 282 16.13 0.92 -12.25
N HIS B 283 15.31 -0.11 -12.11
CA HIS B 283 15.40 -1.27 -12.98
C HIS B 283 14.13 -1.52 -13.77
N THR B 284 14.33 -2.15 -14.92
CA THR B 284 13.24 -2.65 -15.71
C THR B 284 13.41 -4.14 -15.73
N ARG B 285 12.32 -4.88 -15.47
CA ARG B 285 12.23 -6.34 -15.79
C ARG B 285 11.80 -6.52 -17.23
N HIS B 286 12.49 -7.39 -17.93
CA HIS B 286 12.08 -7.83 -19.23
C HIS B 286 11.73 -9.27 -19.11
N HIS B 287 10.72 -9.74 -19.85
CA HIS B 287 10.38 -11.20 -19.98
C HIS B 287 10.40 -11.69 -21.42
N CYS B 288 10.77 -12.94 -21.61
CA CYS B 288 10.68 -13.58 -22.90
C CYS B 288 10.18 -15.00 -22.78
N GLN B 289 9.55 -15.49 -23.84
CA GLN B 289 9.09 -16.85 -23.80
C GLN B 289 9.86 -17.57 -24.84
N ILE B 290 10.73 -18.50 -24.44
CA ILE B 290 11.50 -19.30 -25.41
C ILE B 290 10.71 -20.56 -25.79
N PRO B 291 10.61 -20.86 -27.08
CA PRO B 291 9.82 -22.05 -27.41
C PRO B 291 10.67 -23.30 -27.29
N VAL B 292 10.27 -24.28 -26.48
CA VAL B 292 11.03 -25.51 -26.48
C VAL B 292 10.18 -26.69 -26.97
N PRO B 293 10.40 -27.12 -28.24
CA PRO B 293 9.52 -28.09 -28.90
C PRO B 293 9.81 -29.54 -28.56
N ASP B 294 10.90 -29.78 -27.82
CA ASP B 294 11.43 -31.13 -27.55
C ASP B 294 12.34 -31.19 -26.33
N PRO B 295 11.76 -30.99 -25.15
CA PRO B 295 12.53 -30.93 -23.94
C PRO B 295 13.33 -32.22 -23.65
N ALA B 296 12.91 -33.39 -24.19
CA ALA B 296 13.58 -34.68 -23.96
C ALA B 296 14.92 -34.77 -24.66
N THR B 297 14.99 -34.13 -25.80
CA THR B 297 16.15 -34.28 -26.64
C THR B 297 17.12 -33.18 -26.33
N HIS B 298 16.67 -31.94 -26.36
CA HIS B 298 17.51 -30.80 -26.02
C HIS B 298 16.93 -30.25 -24.73
N GLY B 299 17.37 -30.78 -23.59
CA GLY B 299 16.84 -30.33 -22.33
C GLY B 299 17.82 -29.56 -21.50
N GLN B 300 18.86 -29.04 -22.14
CA GLN B 300 19.68 -28.06 -21.47
C GLN B 300 19.97 -26.90 -22.44
N TYR B 301 19.64 -25.69 -22.02
CA TYR B 301 19.75 -24.49 -22.84
C TYR B 301 20.76 -23.55 -22.29
N ILE B 302 21.57 -22.97 -23.17
CA ILE B 302 22.38 -21.86 -22.71
C ILE B 302 21.81 -20.54 -23.18
N VAL B 303 21.35 -19.71 -22.24
CA VAL B 303 20.66 -18.41 -22.54
C VAL B 303 21.44 -17.17 -22.03
N SER B 304 21.54 -16.14 -22.86
CA SER B 304 22.31 -14.93 -22.57
C SER B 304 21.45 -13.74 -22.79
N VAL B 305 21.61 -12.73 -21.95
CA VAL B 305 21.20 -11.39 -22.33
C VAL B 305 22.47 -10.72 -22.78
N GLN B 306 22.44 -10.07 -23.93
CA GLN B 306 23.63 -9.38 -24.51
C GLN B 306 23.14 -8.41 -25.55
N PRO B 307 23.92 -7.36 -25.85
CA PRO B 307 23.60 -6.34 -26.91
C PRO B 307 23.09 -6.91 -28.23
N ARG B 308 21.97 -6.41 -28.74
CA ARG B 308 21.39 -6.86 -29.99
C ARG B 308 22.06 -6.16 -31.11
N ARG B 309 21.93 -6.73 -32.30
CA ARG B 309 22.17 -5.99 -33.52
C ARG B 309 20.97 -5.08 -33.74
N ALA B 310 21.11 -3.83 -33.29
CA ALA B 310 20.09 -2.80 -33.41
C ALA B 310 20.73 -1.68 -34.20
N GLU B 311 20.33 -1.55 -35.47
CA GLU B 311 20.87 -0.53 -36.39
C GLU B 311 19.79 0.41 -36.95
N LYS B 312 20.13 1.68 -37.21
CA LYS B 312 19.23 2.58 -37.94
C LYS B 312 19.80 2.48 -39.35
N HIS B 313 18.96 2.13 -40.32
CA HIS B 313 19.38 2.02 -41.72
C HIS B 313 19.18 3.44 -42.23
N ILE B 314 20.17 4.09 -42.84
CA ILE B 314 19.95 5.42 -43.37
C ILE B 314 20.44 5.50 -44.79
N LYS B 315 19.50 5.56 -45.73
CA LYS B 315 19.78 5.54 -47.18
C LYS B 315 20.35 6.91 -47.57
N SER B 316 21.56 6.97 -48.11
CA SER B 316 22.17 8.29 -48.29
C SER B 316 21.41 9.16 -49.25
N SER B 317 21.05 8.61 -50.42
CA SER B 317 20.34 9.42 -51.40
C SER B 317 19.11 10.08 -50.86
N VAL B 318 18.58 9.59 -49.77
CA VAL B 318 17.30 10.11 -49.36
C VAL B 318 17.46 10.95 -48.03
N ASN B 319 18.70 11.30 -47.69
CA ASN B 319 19.07 12.11 -46.54
C ASN B 319 20.13 13.12 -46.89
N ILE B 320 19.88 13.90 -47.94
CA ILE B 320 20.94 14.77 -48.43
C ILE B 320 20.75 16.14 -47.80
N GLN B 321 21.75 16.63 -47.06
CA GLN B 321 21.80 18.04 -46.75
C GLN B 321 22.86 18.66 -47.64
N MET B 322 22.48 19.42 -48.66
CA MET B 322 23.60 19.90 -49.49
C MET B 322 24.41 20.96 -48.75
N ALA B 323 25.58 21.29 -49.26
CA ALA B 323 26.39 22.35 -48.65
C ALA B 323 25.72 23.68 -49.03
N PRO B 324 25.95 24.75 -48.23
CA PRO B 324 25.24 25.97 -48.59
C PRO B 324 25.74 26.48 -49.95
N PRO B 325 24.87 27.10 -50.76
CA PRO B 325 25.44 27.77 -51.94
C PRO B 325 26.38 28.98 -51.65
N SER B 326 27.29 29.29 -52.56
CA SER B 326 28.02 30.55 -52.51
C SER B 326 27.07 31.56 -53.16
N LEU B 327 27.05 32.78 -52.65
CA LEU B 327 26.14 33.83 -53.11
C LEU B 327 26.86 35.13 -53.37
N GLN B 328 26.56 35.79 -54.48
CA GLN B 328 27.07 37.15 -54.70
C GLN B 328 26.00 38.12 -55.22
N VAL B 329 26.32 39.41 -55.20
CA VAL B 329 25.39 40.45 -55.58
C VAL B 329 25.96 41.09 -56.83
N THR B 330 25.13 41.39 -57.82
CA THR B 330 25.62 42.10 -59.02
C THR B 330 24.81 43.35 -59.40
N LYS B 331 25.51 44.37 -59.91
CA LYS B 331 24.88 45.47 -60.64
C LYS B 331 25.37 45.30 -62.06
N ASP B 332 24.78 46.06 -62.98
CA ASP B 332 24.97 45.94 -64.42
C ASP B 332 23.85 46.83 -64.86
N GLY B 333 24.19 48.00 -65.40
CA GLY B 333 23.25 49.11 -65.46
C GLY B 333 22.90 49.56 -64.04
N ASP B 334 21.67 50.05 -63.85
CA ASP B 334 21.17 50.40 -62.52
C ASP B 334 20.21 49.34 -61.91
N SER B 335 20.11 48.17 -62.55
CA SER B 335 19.28 47.08 -61.99
C SER B 335 20.11 45.95 -61.34
N TYR B 336 19.76 45.58 -60.11
CA TYR B 336 20.60 44.67 -59.34
C TYR B 336 20.09 43.21 -59.42
N SER B 337 20.99 42.23 -59.46
CA SER B 337 20.58 40.82 -59.56
C SER B 337 21.43 39.97 -58.60
N LEU B 338 20.82 39.00 -57.92
CA LEU B 338 21.49 38.04 -57.02
C LEU B 338 22.01 36.81 -57.78
N ARG B 339 23.25 36.35 -57.55
CA ARG B 339 23.69 35.09 -58.19
C ARG B 339 24.21 34.06 -57.19
N TRP B 340 24.10 32.79 -57.53
CA TRP B 340 24.46 31.72 -56.58
C TRP B 340 24.93 30.41 -57.25
N GLU B 341 25.98 29.83 -56.72
CA GLU B 341 26.51 28.58 -57.25
C GLU B 341 26.47 27.55 -56.12
N THR B 342 26.40 26.27 -56.48
CA THR B 342 26.47 25.16 -55.52
C THR B 342 27.60 24.24 -55.90
N MET B 343 28.33 23.70 -54.91
CA MET B 343 29.53 22.88 -55.18
C MET B 343 29.23 21.81 -56.24
N LYS B 344 30.03 21.69 -57.30
CA LYS B 344 29.84 20.57 -58.26
C LYS B 344 29.78 19.23 -57.50
N MET B 345 28.72 18.45 -57.77
CA MET B 345 28.58 17.10 -57.33
C MET B 345 29.05 16.28 -58.52
N ARG B 346 29.92 15.32 -58.32
CA ARG B 346 30.75 14.89 -59.43
C ARG B 346 30.06 15.12 -60.81
N TYR B 347 29.12 14.26 -61.21
CA TYR B 347 28.29 14.47 -62.47
C TYR B 347 26.86 14.05 -62.21
N GLU B 348 26.44 14.21 -61.00
CA GLU B 348 25.18 13.66 -60.66
C GLU B 348 24.06 14.35 -61.48
N HIS B 349 23.00 13.64 -61.85
CA HIS B 349 21.83 14.34 -62.41
C HIS B 349 20.77 14.55 -61.32
N ILE B 350 20.71 15.77 -60.73
CA ILE B 350 19.81 16.06 -59.59
C ILE B 350 19.21 17.48 -59.54
N ASP B 351 17.90 17.61 -59.85
CA ASP B 351 17.22 18.91 -59.76
C ASP B 351 17.40 19.51 -58.38
N HIS B 352 17.60 20.83 -58.28
CA HIS B 352 17.80 21.52 -56.98
C HIS B 352 16.76 22.60 -56.86
N THR B 353 16.06 22.70 -55.71
CA THR B 353 15.36 23.96 -55.49
C THR B 353 15.99 24.90 -54.45
N PHE B 354 15.97 26.17 -54.78
CA PHE B 354 16.65 27.21 -54.02
C PHE B 354 15.63 28.08 -53.37
N GLU B 355 15.90 28.51 -52.14
CA GLU B 355 15.05 29.51 -51.60
C GLU B 355 15.86 30.78 -51.38
N ILE B 356 15.39 31.89 -51.94
CA ILE B 356 16.12 33.16 -51.89
C ILE B 356 15.39 34.27 -51.07
N GLN B 357 16.12 34.92 -50.15
CA GLN B 357 15.59 35.98 -49.28
C GLN B 357 16.46 37.24 -49.30
N TYR B 358 15.84 38.43 -49.24
CA TYR B 358 16.59 39.70 -49.02
C TYR B 358 15.88 40.65 -48.04
N ARG B 359 16.70 41.41 -47.31
CA ARG B 359 16.30 42.29 -46.19
C ARG B 359 16.67 43.73 -46.45
N LYS B 360 15.81 44.69 -46.13
CA LYS B 360 16.33 46.04 -45.82
C LYS B 360 17.17 45.87 -44.55
N ASP B 361 18.31 46.55 -44.45
CA ASP B 361 19.18 46.36 -43.28
C ASP B 361 18.43 46.46 -41.95
N THR B 362 17.48 47.39 -41.89
CA THR B 362 16.78 47.71 -40.65
C THR B 362 15.51 46.89 -40.52
N ALA B 363 15.57 45.66 -40.97
CA ALA B 363 14.42 44.80 -40.93
C ALA B 363 14.81 43.32 -40.68
N THR B 364 13.79 42.46 -40.61
CA THR B 364 13.92 41.12 -40.05
C THR B 364 13.73 40.03 -41.12
N TRP B 365 14.59 39.02 -41.10
CA TRP B 365 14.32 37.93 -42.02
C TRP B 365 12.84 37.49 -41.89
N LYS B 366 12.40 37.20 -40.65
CA LYS B 366 11.03 36.75 -40.40
C LYS B 366 10.03 37.35 -41.40
N ASP B 367 10.07 38.66 -41.58
CA ASP B 367 9.09 39.26 -42.46
C ASP B 367 9.71 39.68 -43.77
N SER B 368 10.20 38.73 -44.54
CA SER B 368 10.92 39.09 -45.77
C SER B 368 10.50 38.42 -47.09
N LYS B 369 10.84 39.08 -48.19
CA LYS B 369 10.52 38.64 -49.56
C LYS B 369 11.30 37.37 -49.94
N THR B 370 10.61 36.23 -49.84
CA THR B 370 11.22 34.91 -49.91
C THR B 370 10.75 34.10 -51.13
N GLU B 371 11.23 34.45 -52.34
CA GLU B 371 10.96 33.66 -53.57
C GLU B 371 11.71 32.34 -53.61
N THR B 372 11.16 31.37 -54.34
CA THR B 372 11.67 30.00 -54.35
C THR B 372 11.68 29.35 -55.75
N LEU B 373 12.87 28.95 -56.23
CA LEU B 373 13.16 28.65 -57.63
C LEU B 373 13.77 27.27 -57.85
N GLN B 374 13.24 26.50 -58.80
CA GLN B 374 13.86 25.23 -59.12
C GLN B 374 14.83 25.44 -60.26
N ASN B 375 16.06 24.94 -60.09
CA ASN B 375 17.13 24.99 -61.13
C ASN B 375 17.53 26.36 -61.71
N ALA B 376 17.23 27.45 -61.01
CA ALA B 376 17.71 28.77 -61.42
C ALA B 376 19.00 29.10 -60.66
N HIS B 377 19.80 30.02 -61.19
CA HIS B 377 21.10 30.40 -60.55
C HIS B 377 21.28 31.87 -60.37
N SER B 378 20.21 32.60 -60.57
CA SER B 378 20.22 34.01 -60.33
C SER B 378 18.80 34.50 -60.34
N MET B 379 18.61 35.71 -59.86
CA MET B 379 17.32 36.30 -59.81
C MET B 379 17.54 37.79 -59.97
N ALA B 380 16.89 38.42 -60.94
CA ALA B 380 17.01 39.88 -61.06
C ALA B 380 16.11 40.52 -59.99
N LEU B 381 16.53 41.62 -59.40
CA LEU B 381 15.79 42.18 -58.29
C LEU B 381 15.10 43.48 -58.72
N PRO B 382 13.92 43.82 -58.12
CA PRO B 382 13.27 45.12 -58.47
C PRO B 382 14.13 46.33 -58.10
N ALA B 383 13.72 47.54 -58.51
CA ALA B 383 14.36 48.75 -57.98
C ALA B 383 14.04 48.83 -56.47
N LEU B 384 14.88 49.61 -55.75
CA LEU B 384 14.75 49.70 -54.28
C LEU B 384 15.36 50.96 -53.63
N GLU B 385 15.12 51.10 -52.32
CA GLU B 385 15.27 52.39 -51.62
C GLU B 385 16.64 53.09 -51.80
N PRO B 386 16.59 54.41 -52.00
CA PRO B 386 17.66 55.39 -52.22
C PRO B 386 19.10 54.96 -51.89
N SER B 387 19.49 54.98 -50.61
CA SER B 387 20.87 54.66 -50.20
C SER B 387 20.87 53.70 -49.00
N THR B 388 20.23 52.55 -49.17
CA THR B 388 20.02 51.60 -48.08
C THR B 388 20.95 50.36 -48.14
N ARG B 389 21.20 49.79 -46.97
CA ARG B 389 22.04 48.61 -46.82
C ARG B 389 21.12 47.45 -46.88
N TYR B 390 21.58 46.45 -47.61
CA TYR B 390 20.77 45.30 -47.90
C TYR B 390 21.51 44.04 -47.53
N TRP B 391 20.75 42.98 -47.27
CA TRP B 391 21.32 41.69 -47.01
C TRP B 391 20.59 40.66 -47.87
N ALA B 392 21.29 39.58 -48.22
CA ALA B 392 20.69 38.47 -48.98
C ALA B 392 21.27 37.07 -48.61
N ARG B 393 20.41 36.04 -48.59
CA ARG B 393 20.80 34.64 -48.31
C ARG B 393 20.06 33.69 -49.24
N VAL B 394 20.64 32.51 -49.49
CA VAL B 394 20.02 31.46 -50.31
C VAL B 394 20.28 30.18 -49.56
N ARG B 395 19.44 29.17 -49.81
CA ARG B 395 19.66 27.80 -49.38
C ARG B 395 19.08 26.91 -50.44
N VAL B 396 19.64 25.70 -50.58
CA VAL B 396 19.22 24.66 -51.56
C VAL B 396 18.72 23.39 -50.87
N ARG B 397 17.97 22.57 -51.62
CA ARG B 397 17.61 21.19 -51.28
C ARG B 397 17.47 20.34 -52.57
N THR B 398 17.58 19.01 -52.49
CA THR B 398 17.35 18.27 -53.74
C THR B 398 15.86 18.37 -54.05
N SER B 399 15.48 18.18 -55.30
CA SER B 399 14.09 18.16 -55.67
C SER B 399 13.91 17.25 -56.87
N ARG B 400 14.15 15.97 -56.68
CA ARG B 400 14.04 14.93 -57.72
C ARG B 400 13.66 13.59 -57.08
N THR B 401 12.85 12.81 -57.79
CA THR B 401 12.27 11.60 -57.20
C THR B 401 13.25 10.58 -56.61
N GLY B 402 14.37 10.33 -57.23
CA GLY B 402 15.31 9.52 -56.35
C GLY B 402 15.76 9.98 -54.96
N TYR B 403 15.40 11.21 -54.52
CA TYR B 403 16.22 11.93 -53.56
C TYR B 403 15.37 12.64 -52.60
N ASN B 404 15.96 13.02 -51.43
CA ASN B 404 15.34 13.77 -50.39
C ASN B 404 16.40 14.15 -49.38
N GLY B 405 16.00 14.84 -48.28
CA GLY B 405 16.96 15.56 -47.39
C GLY B 405 16.29 16.72 -46.74
N ILE B 406 17.12 17.64 -46.22
CA ILE B 406 16.70 18.83 -45.47
C ILE B 406 17.41 19.97 -46.19
N TRP B 407 16.98 21.22 -45.98
CA TRP B 407 17.64 22.40 -46.53
C TRP B 407 19.05 22.40 -46.11
N SER B 408 19.86 23.08 -46.88
CA SER B 408 21.24 23.28 -46.58
C SER B 408 21.14 24.41 -45.61
N GLU B 409 22.18 24.64 -44.81
CA GLU B 409 22.27 25.84 -43.99
C GLU B 409 22.29 27.04 -44.97
N TRP B 410 21.96 28.21 -44.47
CA TRP B 410 21.95 29.36 -45.34
C TRP B 410 23.36 29.63 -45.85
N SER B 411 23.47 30.18 -47.07
CA SER B 411 24.75 30.78 -47.54
C SER B 411 25.14 31.88 -46.55
N GLU B 412 26.41 32.30 -46.60
CA GLU B 412 26.79 33.49 -45.84
C GLU B 412 25.89 34.62 -46.31
N ALA B 413 25.53 35.48 -45.37
CA ALA B 413 24.72 36.63 -45.70
C ALA B 413 25.60 37.64 -46.46
N ARG B 414 25.09 38.16 -47.56
CA ARG B 414 25.87 39.04 -48.37
C ARG B 414 25.34 40.47 -48.30
N SER B 415 26.15 41.37 -47.71
CA SER B 415 25.76 42.77 -47.46
C SER B 415 25.83 43.58 -48.73
N TRP B 416 25.25 44.78 -48.73
CA TRP B 416 25.61 45.79 -49.72
C TRP B 416 24.81 47.10 -49.59
N ASP B 417 25.24 48.16 -50.28
CA ASP B 417 24.66 49.51 -50.14
C ASP B 417 24.32 50.19 -51.46
N THR B 418 23.27 51.01 -51.43
CA THR B 418 22.86 51.84 -52.57
C THR B 418 23.27 53.33 -52.38
C1 NAG C . 31.35 8.37 -19.71
C2 NAG C . 31.88 7.80 -18.42
C3 NAG C . 31.82 8.85 -17.31
C4 NAG C . 32.40 10.21 -17.77
C5 NAG C . 31.99 10.53 -19.22
C6 NAG C . 32.63 11.79 -19.82
C7 NAG C . 31.65 5.60 -17.37
C8 NAG C . 30.77 4.63 -16.68
N2 NAG C . 31.11 6.64 -18.02
O3 NAG C . 32.53 8.39 -16.17
O4 NAG C . 32.01 11.18 -16.83
O5 NAG C . 32.32 9.37 -19.95
O6 NAG C . 33.92 11.60 -20.33
O7 NAG C . 32.85 5.38 -17.34
C1 NAG C . 33.18 11.95 -16.53
C2 NAG C . 32.72 13.23 -15.87
C3 NAG C . 33.74 13.97 -14.99
C4 NAG C . 35.10 13.29 -14.77
C5 NAG C . 35.30 11.98 -15.54
C6 NAG C . 36.24 10.99 -14.86
C7 NAG C . 30.93 14.41 -16.75
C8 NAG C . 30.31 15.30 -17.77
N2 NAG C . 32.21 14.10 -16.91
O3 NAG C . 33.17 14.13 -13.72
O4 NAG C . 36.07 14.28 -15.12
O5 NAG C . 34.07 11.29 -15.69
O6 NAG C . 36.95 10.39 -15.93
O7 NAG C . 30.30 13.97 -15.77
C1 BMA C . 36.80 14.52 -13.89
C2 BMA C . 38.20 13.88 -13.88
C3 BMA C . 38.49 13.61 -12.39
C4 BMA C . 38.37 14.95 -11.60
C5 BMA C . 37.09 15.79 -11.97
C6 BMA C . 37.13 17.20 -11.38
O2 BMA C . 39.19 14.70 -14.48
O3 BMA C . 39.70 12.89 -12.22
O4 BMA C . 38.40 14.70 -10.21
O5 BMA C . 36.84 15.84 -13.38
O6 BMA C . 35.82 17.74 -11.46
C1 FUC C . 31.64 8.19 -15.01
C2 FUC C . 32.42 7.66 -13.78
C3 FUC C . 33.46 8.72 -13.32
C4 FUC C . 32.81 10.13 -13.52
C5 FUC C . 31.26 10.15 -13.51
C6 FUC C . 30.56 9.79 -12.18
O2 FUC C . 32.95 6.37 -14.03
O3 FUC C . 34.01 8.50 -12.03
O4 FUC C . 33.41 11.20 -12.80
O5 FUC C . 30.81 9.32 -14.61
C1 NAG D . -0.43 -38.93 -1.66
C2 NAG D . 0.47 -40.13 -1.40
C3 NAG D . -0.26 -41.34 -0.74
C4 NAG D . -1.49 -40.89 0.07
C5 NAG D . -2.34 -40.05 -0.90
C6 NAG D . -3.86 -39.91 -0.66
C7 NAG D . 2.37 -40.93 -2.85
C8 NAG D . 2.53 -42.16 -3.71
N2 NAG D . 1.09 -40.50 -2.68
O3 NAG D . 0.64 -42.08 0.07
O4 NAG D . -2.16 -41.94 0.78
O5 NAG D . -1.63 -38.83 -0.89
O6 NAG D . -4.14 -39.34 0.61
O7 NAG D . 3.36 -40.35 -2.37
C1 FUC D . 1.03 -43.33 -0.58
C2 FUC D . 2.28 -43.89 0.13
C3 FUC D . 1.89 -44.52 1.48
C4 FUC D . 0.63 -45.42 1.39
C5 FUC D . -0.53 -44.82 0.54
C6 FUC D . -1.73 -45.75 0.31
O2 FUC D . 3.25 -42.89 0.36
O3 FUC D . 3.02 -45.21 1.96
O4 FUC D . 0.98 -46.69 0.90
O5 FUC D . -0.03 -44.30 -0.70
C1 NAG D . -2.31 -41.51 2.17
C2 NAG D . -2.99 -42.63 3.03
C3 NAG D . -2.25 -42.80 4.35
C4 NAG D . -0.78 -42.90 3.97
C5 NAG D . -0.34 -41.46 3.72
C6 NAG D . 1.16 -41.37 3.41
C7 NAG D . -5.43 -42.59 2.36
C8 NAG D . -6.79 -42.98 2.94
N2 NAG D . -4.43 -42.41 3.25
O3 NAG D . -2.73 -43.89 5.10
O4 NAG D . 0.02 -43.48 4.97
O5 NAG D . -1.12 -40.86 2.70
O6 NAG D . 1.79 -40.60 4.42
O7 NAG D . -5.34 -42.46 1.12
C1 NAG E . -33.72 -9.27 23.59
C2 NAG E . -33.72 -10.47 22.64
C3 NAG E . -34.42 -9.94 21.40
C4 NAG E . -35.84 -9.45 21.67
C5 NAG E . -35.89 -8.46 22.83
C6 NAG E . -37.37 -8.11 23.20
C7 NAG E . -31.86 -12.18 22.42
C8 NAG E . -30.62 -12.49 21.61
N2 NAG E . -32.37 -10.94 22.27
O3 NAG E . -34.40 -10.88 20.35
O4 NAG E . -36.35 -8.89 20.49
O5 NAG E . -35.07 -8.91 23.92
O6 NAG E . -37.95 -8.87 24.25
O7 NAG E . -32.30 -13.06 23.17
C1 NAG E . -37.50 -9.70 20.14
C2 NAG E . -38.16 -9.22 18.85
C3 NAG E . -39.42 -10.07 18.53
C4 NAG E . -39.32 -11.56 18.93
C5 NAG E . -38.45 -11.81 20.18
C6 NAG E . -38.18 -13.29 20.43
C7 NAG E . -38.36 -6.98 17.87
C8 NAG E . -37.05 -6.27 17.63
N2 NAG E . -38.43 -7.78 18.94
O3 NAG E . -39.67 -10.03 17.13
O4 NAG E . -40.62 -12.09 19.18
O5 NAG E . -37.23 -11.10 20.05
O6 NAG E . -38.28 -13.51 21.83
O7 NAG E . -39.31 -6.82 17.08
C1 BMA E . -41.25 -12.63 17.99
C2 BMA E . -41.74 -14.11 18.15
C3 BMA E . -43.17 -14.47 17.62
C4 BMA E . -43.95 -13.31 16.97
C5 BMA E . -43.02 -12.19 16.43
C6 BMA E . -43.75 -11.02 15.74
O2 BMA E . -41.56 -14.61 19.46
O3 BMA E . -43.98 -15.10 18.61
O4 BMA E . -44.72 -13.84 15.91
O5 BMA E . -42.24 -11.71 17.53
O6 BMA E . -43.10 -9.78 15.98
C1 FUC E . -33.49 -10.32 19.35
C2 FUC E . -33.50 -11.12 18.05
C3 FUC E . -34.91 -10.79 17.52
C4 FUC E . -34.81 -9.35 16.91
C5 FUC E . -34.33 -8.33 17.99
C6 FUC E . -33.49 -7.13 17.47
O2 FUC E . -33.17 -12.48 18.24
O3 FUC E . -35.56 -11.79 16.75
O4 FUC E . -34.03 -9.34 15.70
O5 FUC E . -33.67 -8.88 19.15
C1 NAG F . 24.00 -25.82 14.10
C2 NAG F . 23.81 -26.31 12.62
C3 NAG F . 24.26 -27.81 12.53
C4 NAG F . 25.81 -27.85 12.67
C5 NAG F . 26.23 -27.05 13.93
C6 NAG F . 27.37 -26.04 13.66
C7 NAG F . 21.57 -26.43 11.26
C8 NAG F . 20.10 -26.24 11.59
N2 NAG F . 22.45 -25.92 12.16
O3 NAG F . 23.79 -28.64 11.45
O4 NAG F . 26.42 -29.16 12.69
O5 NAG F . 25.14 -26.46 14.71
O6 NAG F . 27.07 -25.07 12.66
O7 NAG F . 21.85 -27.00 10.19
C1 FUC F . 23.08 -29.82 12.02
C2 FUC F . 21.75 -30.18 11.27
C3 FUC F . 21.72 -31.63 10.72
C4 FUC F . 22.38 -32.65 11.67
C5 FUC F . 23.82 -32.22 11.93
C6 FUC F . 24.61 -33.24 12.77
O2 FUC F . 21.39 -29.25 10.25
O3 FUC F . 20.40 -32.04 10.39
O4 FUC F . 21.63 -32.83 12.87
O5 FUC F . 23.92 -30.91 12.49
C1 NAG F . 26.90 -29.65 11.40
C2 NAG F . 28.43 -29.54 11.24
C3 NAG F . 29.03 -30.46 10.14
C4 NAG F . 28.10 -31.36 9.30
C5 NAG F . 26.64 -31.48 9.78
C6 NAG F . 26.16 -32.95 9.74
C7 NAG F . 30.04 -27.61 11.46
C8 NAG F . 31.41 -28.09 11.00
N2 NAG F . 28.90 -28.17 10.98
O3 NAG F . 30.04 -31.29 10.68
O4 NAG F . 28.21 -30.97 7.94
O5 NAG F . 26.46 -30.97 11.11
O6 NAG F . 26.24 -33.55 8.46
O7 NAG F . 30.00 -26.68 12.27
#